data_1R1L
#
_entry.id   1R1L
#
_cell.length_a   69.171
_cell.length_b   100.421
_cell.length_c   87.198
_cell.angle_alpha   90.00
_cell.angle_beta   104.29
_cell.angle_gamma   90.00
#
_symmetry.space_group_name_H-M   'P 1 21 1'
#
loop_
_entity.id
_entity.type
_entity.pdbx_description
1 polymer Antithrombin-III
2 polymer 'Antithrombin P14-P9 peptide'
3 polymer 'EXOGENOUS TRIPEPTIDE formyl-(NLE)LF'
4 non-polymer 2-acetamido-2-deoxy-beta-D-glucopyranose
5 non-polymer GLYCEROL
6 non-polymer 'FORMYL GROUP'
7 water water
#
loop_
_entity_poly.entity_id
_entity_poly.type
_entity_poly.pdbx_seq_one_letter_code
_entity_poly.pdbx_strand_id
1 'polypeptide(L)'
;HGSPVDICTAKPRDIPMNPMCIYRSPEKKATEDEGSEQKIPEATNRRVWELSKANSRFATTFYQHLADSKNDNDNIFLSP
LSISTAFAMTKLGACNDTLQQLMEVFKFDTISEKTSDQIHFFFAKLNCRLYRKANKSSKLVSANRLFGDKSLTFNETYQD
ISELVYGAKLQPLDFKENAEQSRAAINKWVSNKTEGRITDVIPSEAINELTVLVLVNTIYFKGLWKSKFSPENTRKELFY
KADGESCSASMMYQEGKFRYRRVAEGTQVLELPFKGDDITMVLILPKPEKSLAKVEKELTPEVLQEWLDELEEMMLVVHM
PRFRIEDGFSLKEQLQDMGLVDLFSPEKSKLPGIVAEGRDDLYVSDAFHKAFLEVNEEGSEAAASTAVVIAGRSLNPNRV
TFKANRPFLVFIREVPLNTIIFMGRVANPCVK
;
L,I
2 'polypeptide(L)' (ACE)SEAAAS C
3 'polypeptide(L)' (NLE)LF D
#
# COMPACT_ATOMS: atom_id res chain seq x y z
N VAL A 5 -51.84 -6.38 8.92
CA VAL A 5 -51.25 -6.90 7.69
C VAL A 5 -49.80 -6.45 7.52
N ASP A 6 -48.93 -7.42 7.26
CA ASP A 6 -47.51 -7.18 7.07
C ASP A 6 -47.13 -7.53 5.63
N ILE A 7 -46.94 -6.51 4.79
CA ILE A 7 -46.61 -6.73 3.38
C ILE A 7 -45.43 -7.65 3.14
N CYS A 8 -44.44 -7.59 4.02
CA CYS A 8 -43.26 -8.43 3.87
C CYS A 8 -43.62 -9.91 3.72
N THR A 9 -44.58 -10.35 4.51
CA THR A 9 -45.02 -11.74 4.50
C THR A 9 -46.13 -11.98 3.47
N ALA A 10 -47.05 -11.04 3.39
CA ALA A 10 -48.19 -11.11 2.48
C ALA A 10 -47.89 -11.48 1.02
N LYS A 11 -48.95 -11.85 0.31
CA LYS A 11 -48.84 -12.22 -1.11
C LYS A 11 -49.60 -11.20 -1.96
N PRO A 12 -49.38 -11.20 -3.27
CA PRO A 12 -50.04 -10.27 -4.19
C PRO A 12 -51.48 -9.84 -3.85
N ARG A 13 -52.38 -10.80 -3.75
CA ARG A 13 -53.78 -10.49 -3.46
C ARG A 13 -54.09 -10.07 -2.02
N ASP A 14 -53.28 -10.50 -1.07
CA ASP A 14 -53.49 -10.15 0.34
C ASP A 14 -53.42 -8.64 0.57
N ILE A 15 -52.94 -7.91 -0.43
CA ILE A 15 -52.81 -6.46 -0.33
C ILE A 15 -53.66 -5.79 -1.41
N PRO A 16 -54.81 -5.20 -1.01
CA PRO A 16 -55.73 -4.53 -1.92
C PRO A 16 -55.22 -3.21 -2.47
N MET A 17 -54.40 -3.28 -3.53
CA MET A 17 -53.89 -2.07 -4.17
C MET A 17 -55.04 -1.49 -4.97
N ASN A 18 -55.39 -0.24 -4.70
CA ASN A 18 -56.49 0.37 -5.43
C ASN A 18 -56.07 1.64 -6.18
N PRO A 19 -54.85 1.65 -6.75
CA PRO A 19 -54.42 2.85 -7.47
C PRO A 19 -55.52 3.34 -8.42
N MET A 20 -55.73 4.64 -8.46
CA MET A 20 -56.75 5.23 -9.30
C MET A 20 -56.57 4.85 -10.78
N CYS A 21 -55.49 5.33 -11.38
CA CYS A 21 -55.20 5.05 -12.78
C CYS A 21 -54.21 3.89 -12.93
N ILE A 22 -54.05 3.41 -14.16
CA ILE A 22 -53.12 2.31 -14.41
C ILE A 22 -52.46 2.42 -15.78
N TYR A 23 -51.33 1.73 -15.93
CA TYR A 23 -50.58 1.71 -17.19
C TYR A 23 -49.86 0.38 -17.34
N GLU A 42 -38.94 -19.54 -7.88
CA GLU A 42 -39.38 -18.37 -7.12
C GLU A 42 -39.85 -17.31 -8.09
N ALA A 43 -40.92 -16.59 -7.73
CA ALA A 43 -41.44 -15.56 -8.62
C ALA A 43 -41.37 -14.16 -8.00
N THR A 44 -41.69 -14.06 -6.71
CA THR A 44 -41.63 -12.77 -6.05
C THR A 44 -40.16 -12.34 -5.97
N ASN A 45 -39.27 -13.33 -5.89
CA ASN A 45 -37.85 -13.07 -5.82
C ASN A 45 -37.27 -12.63 -7.16
N ARG A 46 -37.74 -13.23 -8.24
CA ARG A 46 -37.22 -12.85 -9.55
C ARG A 46 -37.83 -11.51 -9.93
N ARG A 47 -38.96 -11.18 -9.32
CA ARG A 47 -39.63 -9.91 -9.59
C ARG A 47 -38.82 -8.82 -8.89
N VAL A 48 -38.58 -9.02 -7.60
CA VAL A 48 -37.81 -8.09 -6.79
C VAL A 48 -36.49 -7.79 -7.49
N TRP A 49 -35.84 -8.85 -7.95
CA TRP A 49 -34.56 -8.74 -8.65
C TRP A 49 -34.70 -7.81 -9.86
N GLU A 50 -35.68 -8.09 -10.70
CA GLU A 50 -35.89 -7.28 -11.89
C GLU A 50 -36.07 -5.82 -11.55
N LEU A 51 -36.63 -5.55 -10.37
CA LEU A 51 -36.82 -4.19 -9.89
C LEU A 51 -35.46 -3.62 -9.50
N SER A 52 -34.64 -4.45 -8.85
CA SER A 52 -33.32 -4.02 -8.44
C SER A 52 -32.55 -3.61 -9.69
N LYS A 53 -32.78 -4.34 -10.78
CA LYS A 53 -32.13 -4.02 -12.04
C LYS A 53 -32.67 -2.69 -12.51
N ALA A 54 -33.99 -2.51 -12.38
CA ALA A 54 -34.62 -1.27 -12.80
C ALA A 54 -34.02 -0.12 -12.01
N ASN A 55 -33.87 -0.30 -10.71
CA ASN A 55 -33.29 0.74 -9.86
C ASN A 55 -31.86 1.04 -10.28
N SER A 56 -31.10 -0.02 -10.54
CA SER A 56 -29.72 0.15 -10.97
C SER A 56 -29.66 0.98 -12.24
N ARG A 57 -30.50 0.63 -13.22
CA ARG A 57 -30.53 1.35 -14.49
C ARG A 57 -30.70 2.83 -14.23
N PHE A 58 -31.72 3.20 -13.45
CA PHE A 58 -31.96 4.60 -13.14
C PHE A 58 -30.74 5.25 -12.48
N ALA A 59 -30.10 4.49 -11.60
CA ALA A 59 -28.93 4.95 -10.87
C ALA A 59 -27.79 5.47 -11.76
N THR A 60 -27.25 4.58 -12.59
CA THR A 60 -26.14 4.97 -13.46
C THR A 60 -26.53 6.04 -14.48
N THR A 61 -27.77 6.00 -14.95
CA THR A 61 -28.24 6.99 -15.92
C THR A 61 -28.33 8.35 -15.25
N PHE A 62 -29.01 8.39 -14.11
CA PHE A 62 -29.16 9.64 -13.41
C PHE A 62 -27.78 10.20 -13.05
N TYR A 63 -26.88 9.33 -12.61
CA TYR A 63 -25.52 9.77 -12.25
C TYR A 63 -24.79 10.47 -13.39
N GLN A 64 -24.97 9.96 -14.60
CA GLN A 64 -24.31 10.55 -15.75
C GLN A 64 -24.86 11.95 -16.02
N HIS A 65 -26.18 12.08 -15.99
CA HIS A 65 -26.79 13.38 -16.22
C HIS A 65 -26.31 14.33 -15.13
N LEU A 66 -26.30 13.83 -13.90
CA LEU A 66 -25.87 14.64 -12.79
C LEU A 66 -24.42 15.05 -12.97
N ALA A 67 -23.62 14.13 -13.51
CA ALA A 67 -22.20 14.39 -13.73
C ALA A 67 -21.99 15.52 -14.75
N ASP A 68 -22.79 15.53 -15.81
CA ASP A 68 -22.68 16.56 -16.85
C ASP A 68 -22.97 17.97 -16.34
N SER A 69 -23.64 18.07 -15.20
CA SER A 69 -23.97 19.36 -14.64
C SER A 69 -22.89 19.84 -13.69
N LYS A 70 -21.94 18.95 -13.37
CA LYS A 70 -20.86 19.29 -12.45
C LYS A 70 -19.47 19.31 -13.08
N ASN A 71 -18.53 19.90 -12.33
CA ASN A 71 -17.14 19.97 -12.78
C ASN A 71 -16.48 18.63 -12.45
N ASP A 72 -15.89 18.01 -13.47
CA ASP A 72 -15.23 16.72 -13.32
C ASP A 72 -14.34 16.57 -12.09
N ASN A 73 -14.04 17.68 -11.43
CA ASN A 73 -13.20 17.63 -10.24
C ASN A 73 -13.96 17.92 -8.96
N ASP A 74 -15.28 18.01 -9.06
CA ASP A 74 -16.12 18.24 -7.90
C ASP A 74 -16.60 16.89 -7.34
N ASN A 75 -17.05 16.93 -6.08
CA ASN A 75 -17.57 15.74 -5.42
C ASN A 75 -19.00 15.49 -5.88
N ILE A 76 -19.44 14.24 -5.75
CA ILE A 76 -20.79 13.85 -6.11
C ILE A 76 -21.17 12.66 -5.27
N PHE A 77 -22.19 12.83 -4.43
CA PHE A 77 -22.67 11.73 -3.60
C PHE A 77 -24.19 11.72 -3.54
N LEU A 78 -24.77 10.54 -3.71
CA LEU A 78 -26.21 10.42 -3.68
C LEU A 78 -26.67 8.98 -3.55
N SER A 79 -27.89 8.82 -3.04
CA SER A 79 -28.47 7.50 -2.91
C SER A 79 -29.53 7.38 -3.98
N PRO A 80 -29.29 6.58 -5.02
CA PRO A 80 -30.28 6.43 -6.09
C PRO A 80 -31.55 5.80 -5.54
N LEU A 81 -31.38 4.86 -4.61
CA LEU A 81 -32.49 4.13 -4.00
C LEU A 81 -33.50 5.08 -3.35
N SER A 82 -32.97 6.08 -2.63
CA SER A 82 -33.77 7.10 -1.95
C SER A 82 -34.63 7.82 -2.97
N ILE A 83 -34.00 8.29 -4.03
CA ILE A 83 -34.68 8.99 -5.09
C ILE A 83 -35.73 8.09 -5.74
N SER A 84 -35.37 6.83 -5.99
CA SER A 84 -36.32 5.90 -6.60
C SER A 84 -37.52 5.64 -5.71
N THR A 85 -37.30 5.67 -4.40
CA THR A 85 -38.36 5.42 -3.45
C THR A 85 -39.33 6.59 -3.35
N ALA A 86 -38.79 7.80 -3.30
CA ALA A 86 -39.64 8.97 -3.22
C ALA A 86 -40.51 9.12 -4.47
N PHE A 87 -39.98 8.77 -5.64
CA PHE A 87 -40.80 8.92 -6.82
C PHE A 87 -41.78 7.77 -7.02
N ALA A 88 -41.51 6.66 -6.36
CA ALA A 88 -42.40 5.52 -6.42
C ALA A 88 -43.59 5.93 -5.55
N MET A 89 -43.28 6.43 -4.35
CA MET A 89 -44.29 6.89 -3.41
C MET A 89 -45.18 7.91 -4.13
N THR A 90 -44.56 8.86 -4.83
CA THR A 90 -45.29 9.90 -5.55
C THR A 90 -46.18 9.31 -6.64
N LYS A 91 -45.69 8.27 -7.30
CA LYS A 91 -46.40 7.62 -8.39
C LYS A 91 -47.75 7.03 -7.96
N LEU A 92 -47.94 6.81 -6.66
CA LEU A 92 -49.18 6.25 -6.13
C LEU A 92 -50.39 7.14 -6.44
N GLY A 93 -50.13 8.41 -6.77
CA GLY A 93 -51.22 9.31 -7.10
C GLY A 93 -51.09 9.87 -8.51
N ALA A 94 -50.19 9.28 -9.29
CA ALA A 94 -49.95 9.71 -10.67
C ALA A 94 -50.97 9.14 -11.64
N CYS A 95 -51.12 9.80 -12.78
CA CYS A 95 -52.09 9.38 -13.78
C CYS A 95 -51.72 9.88 -15.17
N ASN A 96 -52.23 9.22 -16.20
CA ASN A 96 -51.98 9.59 -17.60
C ASN A 96 -50.53 9.45 -18.01
N ASP A 97 -50.00 10.49 -18.65
CA ASP A 97 -48.61 10.49 -19.08
C ASP A 97 -47.73 10.55 -17.85
N THR A 98 -48.13 11.39 -16.90
CA THR A 98 -47.39 11.56 -15.66
C THR A 98 -47.08 10.18 -15.09
N LEU A 99 -48.10 9.34 -14.99
CA LEU A 99 -47.90 8.00 -14.47
C LEU A 99 -46.96 7.21 -15.36
N GLN A 100 -47.23 7.23 -16.66
CA GLN A 100 -46.41 6.50 -17.63
C GLN A 100 -44.95 6.95 -17.59
N GLN A 101 -44.73 8.24 -17.78
CA GLN A 101 -43.38 8.80 -17.75
C GLN A 101 -42.65 8.36 -16.48
N LEU A 102 -43.35 8.26 -15.36
CA LEU A 102 -42.73 7.84 -14.11
C LEU A 102 -42.25 6.40 -14.24
N MET A 103 -43.07 5.57 -14.87
CA MET A 103 -42.73 4.17 -15.07
C MET A 103 -41.46 3.99 -15.90
N GLU A 104 -41.35 4.78 -16.96
CA GLU A 104 -40.22 4.72 -17.88
C GLU A 104 -38.94 5.37 -17.34
N VAL A 105 -39.04 6.57 -16.80
CA VAL A 105 -37.87 7.27 -16.28
C VAL A 105 -37.13 6.49 -15.19
N PHE A 106 -37.87 5.81 -14.33
CA PHE A 106 -37.28 5.03 -13.26
C PHE A 106 -37.20 3.56 -13.63
N LYS A 107 -37.50 3.29 -14.90
CA LYS A 107 -37.45 1.96 -15.49
C LYS A 107 -38.33 0.89 -14.86
N PHE A 108 -39.34 1.29 -14.10
CA PHE A 108 -40.21 0.28 -13.49
C PHE A 108 -40.89 -0.48 -14.60
N ASP A 109 -40.96 0.17 -15.77
CA ASP A 109 -41.60 -0.40 -16.94
C ASP A 109 -40.84 -1.55 -17.57
N THR A 110 -39.74 -1.98 -16.95
CA THR A 110 -38.97 -3.10 -17.50
C THR A 110 -39.21 -4.35 -16.65
N ILE A 111 -40.00 -4.19 -15.59
CA ILE A 111 -40.32 -5.31 -14.71
C ILE A 111 -41.43 -6.15 -15.32
N SER A 112 -41.17 -7.43 -15.50
CA SER A 112 -42.14 -8.36 -16.09
C SER A 112 -43.46 -8.32 -15.33
N GLU A 113 -44.34 -7.42 -15.75
CA GLU A 113 -45.64 -7.26 -15.13
C GLU A 113 -46.65 -6.87 -16.20
N LYS A 114 -47.65 -6.08 -15.80
CA LYS A 114 -48.68 -5.62 -16.71
C LYS A 114 -49.27 -4.32 -16.18
N THR A 115 -49.51 -4.28 -14.88
CA THR A 115 -50.08 -3.10 -14.24
C THR A 115 -49.05 -2.28 -13.47
N SER A 116 -49.04 -0.97 -13.72
CA SER A 116 -48.15 -0.03 -13.07
C SER A 116 -48.25 -0.14 -11.56
N ASP A 117 -49.39 -0.62 -11.06
CA ASP A 117 -49.60 -0.73 -9.63
C ASP A 117 -48.88 -1.89 -8.97
N GLN A 118 -48.51 -2.91 -9.75
CA GLN A 118 -47.83 -4.08 -9.20
C GLN A 118 -46.40 -3.80 -8.77
N ILE A 119 -45.76 -2.86 -9.46
CA ILE A 119 -44.38 -2.49 -9.15
C ILE A 119 -44.22 -2.22 -7.65
N HIS A 120 -45.20 -1.52 -7.08
CA HIS A 120 -45.19 -1.15 -5.67
C HIS A 120 -45.07 -2.31 -4.72
N PHE A 121 -45.73 -3.42 -5.05
CA PHE A 121 -45.69 -4.59 -4.19
C PHE A 121 -44.28 -5.17 -4.03
N PHE A 122 -43.53 -5.17 -5.13
CA PHE A 122 -42.18 -5.71 -5.13
C PHE A 122 -41.19 -4.73 -4.52
N PHE A 123 -41.47 -3.44 -4.66
CA PHE A 123 -40.60 -2.43 -4.09
C PHE A 123 -40.72 -2.58 -2.58
N ALA A 124 -41.89 -3.00 -2.11
CA ALA A 124 -42.11 -3.21 -0.69
C ALA A 124 -41.30 -4.43 -0.30
N LYS A 125 -41.38 -5.48 -1.12
CA LYS A 125 -40.65 -6.72 -0.87
C LYS A 125 -39.17 -6.43 -0.73
N LEU A 126 -38.64 -5.62 -1.65
CA LEU A 126 -37.24 -5.26 -1.65
C LEU A 126 -36.90 -4.56 -0.34
N ASN A 127 -37.58 -3.45 -0.07
CA ASN A 127 -37.38 -2.69 1.15
C ASN A 127 -37.39 -3.63 2.36
N CYS A 128 -38.30 -4.59 2.32
CA CYS A 128 -38.42 -5.57 3.40
C CYS A 128 -37.12 -6.33 3.61
N ARG A 129 -36.52 -6.80 2.53
CA ARG A 129 -35.27 -7.55 2.62
C ARG A 129 -34.08 -6.65 2.94
N LEU A 130 -34.16 -5.42 2.47
CA LEU A 130 -33.11 -4.44 2.71
C LEU A 130 -33.02 -3.97 4.15
N TYR A 131 -34.14 -3.63 4.76
CA TYR A 131 -34.11 -3.11 6.12
C TYR A 131 -34.61 -4.03 7.24
N ARG A 132 -35.05 -5.23 6.90
CA ARG A 132 -35.53 -6.15 7.92
C ARG A 132 -34.82 -7.48 7.94
N LYS A 133 -33.76 -7.58 8.74
CA LYS A 133 -33.01 -8.83 8.84
C LYS A 133 -32.62 -9.10 10.30
N ALA A 134 -32.38 -10.36 10.62
CA ALA A 134 -32.01 -10.77 11.97
C ALA A 134 -30.57 -10.42 12.31
N ASN A 135 -29.64 -10.89 11.50
CA ASN A 135 -28.22 -10.64 11.70
C ASN A 135 -27.93 -9.17 11.99
N LYS A 136 -28.24 -8.31 11.04
CA LYS A 136 -28.02 -6.88 11.18
C LYS A 136 -26.60 -6.57 11.62
N SER A 137 -25.63 -7.20 10.95
CA SER A 137 -24.22 -6.99 11.24
C SER A 137 -23.89 -5.52 11.04
N SER A 138 -24.56 -4.91 10.07
CA SER A 138 -24.38 -3.50 9.76
C SER A 138 -25.76 -2.84 9.80
N LYS A 139 -25.80 -1.58 10.23
CA LYS A 139 -27.06 -0.85 10.32
C LYS A 139 -27.49 -0.18 9.01
N LEU A 140 -28.68 -0.53 8.54
CA LEU A 140 -29.24 0.07 7.34
C LEU A 140 -30.73 0.23 7.58
N VAL A 141 -31.15 1.48 7.79
CA VAL A 141 -32.56 1.77 8.04
C VAL A 141 -33.12 2.76 7.04
N SER A 142 -34.45 2.80 6.95
CA SER A 142 -35.14 3.70 6.03
C SER A 142 -36.39 4.19 6.73
N ALA A 143 -36.86 5.38 6.36
CA ALA A 143 -38.05 5.94 6.98
C ALA A 143 -38.73 6.91 6.02
N ASN A 144 -39.93 6.55 5.59
CA ASN A 144 -40.68 7.40 4.67
C ASN A 144 -41.82 8.12 5.38
N ARG A 145 -42.17 9.30 4.91
CA ARG A 145 -43.27 10.06 5.49
C ARG A 145 -43.82 11.12 4.54
N LEU A 146 -45.11 11.41 4.70
CA LEU A 146 -45.78 12.42 3.88
C LEU A 146 -46.19 13.61 4.74
N PHE A 147 -46.17 14.80 4.17
CA PHE A 147 -46.56 15.99 4.91
C PHE A 147 -47.60 16.79 4.10
N GLY A 148 -48.85 16.69 4.52
CA GLY A 148 -49.93 17.37 3.83
C GLY A 148 -50.45 18.58 4.59
N ASP A 149 -51.01 19.53 3.85
CA ASP A 149 -51.54 20.73 4.48
C ASP A 149 -52.70 20.39 5.40
N LYS A 150 -52.64 20.94 6.61
CA LYS A 150 -53.63 20.74 7.66
C LYS A 150 -55.10 21.04 7.27
N SER A 151 -55.33 21.78 6.20
CA SER A 151 -56.70 22.12 5.82
C SER A 151 -57.35 21.28 4.71
N LEU A 152 -56.56 20.40 4.10
CA LEU A 152 -57.09 19.57 3.01
C LEU A 152 -57.49 18.18 3.44
N THR A 153 -58.39 17.60 2.66
CA THR A 153 -58.87 16.23 2.91
C THR A 153 -58.17 15.36 1.90
N PHE A 154 -57.24 14.55 2.37
CA PHE A 154 -56.52 13.67 1.48
C PHE A 154 -57.25 12.39 1.20
N ASN A 155 -57.22 11.98 -0.06
CA ASN A 155 -57.86 10.75 -0.49
C ASN A 155 -57.46 9.65 0.47
N GLU A 156 -58.44 8.93 1.00
CA GLU A 156 -58.17 7.85 1.96
C GLU A 156 -57.44 6.62 1.44
N THR A 157 -57.70 6.22 0.20
CA THR A 157 -56.99 5.05 -0.32
C THR A 157 -55.51 5.37 -0.47
N TYR A 158 -55.21 6.50 -1.12
CA TYR A 158 -53.82 6.93 -1.32
C TYR A 158 -53.09 6.99 0.02
N GLN A 159 -53.76 7.53 1.03
CA GLN A 159 -53.13 7.64 2.34
C GLN A 159 -52.85 6.27 2.95
N ASP A 160 -53.86 5.41 2.96
CA ASP A 160 -53.74 4.07 3.54
C ASP A 160 -52.75 3.17 2.82
N ILE A 161 -52.67 3.33 1.50
CA ILE A 161 -51.79 2.51 0.69
C ILE A 161 -50.34 2.96 0.83
N SER A 162 -50.14 4.27 0.98
CA SER A 162 -48.81 4.83 1.14
C SER A 162 -48.26 4.36 2.47
N GLU A 163 -49.12 4.36 3.49
CA GLU A 163 -48.69 3.92 4.81
C GLU A 163 -48.41 2.43 4.81
N LEU A 164 -49.23 1.67 4.08
CA LEU A 164 -49.04 0.24 4.01
C LEU A 164 -47.80 -0.16 3.23
N VAL A 165 -47.75 0.21 1.96
CA VAL A 165 -46.64 -0.13 1.08
C VAL A 165 -45.30 0.52 1.42
N TYR A 166 -45.32 1.78 1.84
CA TYR A 166 -44.07 2.49 2.16
C TYR A 166 -43.89 2.93 3.61
N GLY A 167 -44.76 2.47 4.51
CA GLY A 167 -44.63 2.85 5.91
C GLY A 167 -44.62 4.36 6.05
N ALA A 168 -45.23 5.05 5.09
CA ALA A 168 -45.26 6.51 5.12
C ALA A 168 -46.60 7.07 5.60
N LYS A 169 -46.63 7.54 6.84
CA LYS A 169 -47.84 8.13 7.40
C LYS A 169 -47.96 9.56 6.89
N LEU A 170 -49.17 10.08 6.85
CA LEU A 170 -49.37 11.44 6.38
C LEU A 170 -49.46 12.36 7.58
N GLN A 171 -48.44 13.19 7.77
CA GLN A 171 -48.44 14.11 8.89
C GLN A 171 -48.97 15.49 8.48
N PRO A 172 -49.82 16.07 9.33
CA PRO A 172 -50.42 17.39 9.09
C PRO A 172 -49.42 18.52 9.27
N LEU A 173 -49.45 19.48 8.36
CA LEU A 173 -48.58 20.63 8.45
C LEU A 173 -49.34 21.86 7.92
N ASP A 174 -49.11 23.01 8.53
CA ASP A 174 -49.78 24.24 8.09
C ASP A 174 -48.91 24.97 7.08
N PHE A 175 -49.08 24.63 5.82
CA PHE A 175 -48.32 25.26 4.74
C PHE A 175 -48.94 26.62 4.40
N LYS A 176 -50.27 26.68 4.42
CA LYS A 176 -51.00 27.91 4.11
C LYS A 176 -50.63 29.11 4.99
N GLU A 177 -50.46 28.87 6.28
CA GLU A 177 -50.12 29.93 7.22
C GLU A 177 -48.69 29.89 7.76
N ASN A 178 -47.99 28.77 7.56
CA ASN A 178 -46.62 28.64 8.06
C ASN A 178 -45.70 27.78 7.20
N ALA A 179 -45.40 28.27 6.02
CA ALA A 179 -44.52 27.53 5.13
C ALA A 179 -43.19 27.25 5.81
N GLU A 180 -42.61 28.27 6.43
CA GLU A 180 -41.32 28.12 7.10
C GLU A 180 -41.34 27.19 8.30
N GLN A 181 -42.35 27.31 9.15
CA GLN A 181 -42.45 26.43 10.31
C GLN A 181 -42.38 25.00 9.78
N SER A 182 -43.17 24.75 8.74
CA SER A 182 -43.27 23.44 8.11
C SER A 182 -41.97 22.93 7.49
N ARG A 183 -41.29 23.78 6.72
CA ARG A 183 -40.03 23.39 6.11
C ARG A 183 -39.10 22.92 7.24
N ALA A 184 -38.91 23.78 8.24
CA ALA A 184 -38.05 23.44 9.37
C ALA A 184 -38.52 22.15 10.03
N ALA A 185 -39.84 21.98 10.10
CA ALA A 185 -40.41 20.78 10.69
C ALA A 185 -39.96 19.54 9.93
N ILE A 186 -40.09 19.56 8.60
CA ILE A 186 -39.71 18.43 7.76
C ILE A 186 -38.21 18.15 7.84
N ASN A 187 -37.39 19.19 7.66
CA ASN A 187 -35.94 19.03 7.73
C ASN A 187 -35.55 18.41 9.06
N LYS A 188 -36.26 18.78 10.12
CA LYS A 188 -35.96 18.24 11.44
C LYS A 188 -36.36 16.78 11.49
N TRP A 189 -37.49 16.44 10.91
CA TRP A 189 -37.91 15.04 10.91
C TRP A 189 -36.86 14.21 10.18
N VAL A 190 -36.30 14.78 9.10
CA VAL A 190 -35.27 14.09 8.32
C VAL A 190 -34.01 13.93 9.15
N SER A 191 -33.64 15.00 9.86
CA SER A 191 -32.47 14.96 10.70
C SER A 191 -32.59 13.84 11.73
N ASN A 192 -33.78 13.65 12.27
CA ASN A 192 -33.99 12.60 13.27
C ASN A 192 -33.80 11.19 12.72
N LYS A 193 -34.16 11.01 11.44
CA LYS A 193 -34.04 9.70 10.81
C LYS A 193 -32.66 9.47 10.19
N THR A 194 -31.81 10.48 10.23
CA THR A 194 -30.47 10.37 9.67
C THR A 194 -29.38 10.65 10.70
N GLU A 195 -29.66 10.30 11.95
CA GLU A 195 -28.70 10.54 13.03
C GLU A 195 -28.08 11.92 12.91
N GLY A 196 -28.88 12.87 12.43
CA GLY A 196 -28.40 14.22 12.29
C GLY A 196 -27.42 14.53 11.19
N ARG A 197 -27.23 13.59 10.26
CA ARG A 197 -26.29 13.84 9.17
C ARG A 197 -26.92 14.60 8.01
N ILE A 198 -28.24 14.54 7.91
CA ILE A 198 -29.00 15.27 6.86
C ILE A 198 -29.86 16.29 7.58
N THR A 199 -29.44 17.54 7.55
CA THR A 199 -30.16 18.58 8.28
C THR A 199 -30.93 19.66 7.49
N ASP A 200 -30.74 19.74 6.18
CA ASP A 200 -31.45 20.75 5.43
C ASP A 200 -31.83 20.33 4.01
N VAL A 201 -32.37 19.12 3.87
CA VAL A 201 -32.77 18.61 2.56
C VAL A 201 -33.54 19.65 1.78
N ILE A 202 -34.46 20.33 2.43
CA ILE A 202 -35.28 21.35 1.76
C ILE A 202 -34.74 22.77 1.91
N PRO A 203 -34.46 23.44 0.78
CA PRO A 203 -33.94 24.80 0.77
C PRO A 203 -34.93 25.77 1.39
N SER A 204 -34.43 26.95 1.77
CA SER A 204 -35.24 27.99 2.39
C SER A 204 -36.61 28.30 1.80
N GLU A 205 -36.65 28.86 0.58
CA GLU A 205 -37.95 29.24 -0.02
C GLU A 205 -38.65 28.21 -0.92
N ALA A 206 -38.30 26.94 -0.78
CA ALA A 206 -38.89 25.89 -1.60
C ALA A 206 -40.36 25.62 -1.29
N ILE A 207 -40.77 25.91 -0.06
CA ILE A 207 -42.14 25.66 0.33
C ILE A 207 -42.89 26.96 0.66
N ASN A 208 -44.05 27.16 0.01
CA ASN A 208 -44.88 28.34 0.24
C ASN A 208 -46.35 28.01 0.52
N GLU A 209 -47.15 29.05 0.73
CA GLU A 209 -48.58 28.96 1.03
C GLU A 209 -49.40 28.02 0.14
N LEU A 210 -48.94 27.81 -1.10
CA LEU A 210 -49.65 26.94 -2.02
C LEU A 210 -49.17 25.49 -1.97
N THR A 211 -48.16 25.20 -1.14
CA THR A 211 -47.66 23.83 -1.01
C THR A 211 -48.76 22.91 -0.49
N VAL A 212 -49.06 21.87 -1.26
CA VAL A 212 -50.09 20.90 -0.88
C VAL A 212 -49.53 19.70 -0.12
N LEU A 213 -48.43 19.14 -0.61
CA LEU A 213 -47.83 17.96 0.00
C LEU A 213 -46.33 17.82 -0.26
N VAL A 214 -45.63 17.17 0.67
CA VAL A 214 -44.20 16.93 0.52
C VAL A 214 -43.92 15.46 0.85
N LEU A 215 -43.57 14.67 -0.17
CA LEU A 215 -43.28 13.25 0.04
C LEU A 215 -41.80 13.11 0.34
N VAL A 216 -41.47 12.38 1.41
CA VAL A 216 -40.07 12.24 1.79
C VAL A 216 -39.53 10.85 2.08
N ASN A 217 -38.29 10.61 1.65
CA ASN A 217 -37.60 9.35 1.91
C ASN A 217 -36.30 9.65 2.62
N THR A 218 -35.87 8.71 3.44
CA THR A 218 -34.63 8.84 4.17
C THR A 218 -34.01 7.45 4.30
N ILE A 219 -32.69 7.39 4.23
CA ILE A 219 -31.99 6.13 4.38
C ILE A 219 -30.76 6.45 5.19
N TYR A 220 -30.45 5.56 6.12
CA TYR A 220 -29.30 5.73 7.00
C TYR A 220 -28.52 4.42 7.05
N PHE A 221 -27.22 4.51 6.83
CA PHE A 221 -26.35 3.34 6.85
C PHE A 221 -25.13 3.57 7.72
N LYS A 222 -24.62 2.48 8.29
CA LYS A 222 -23.42 2.56 9.09
C LYS A 222 -22.86 1.16 9.29
N GLY A 223 -21.76 0.88 8.59
CA GLY A 223 -21.14 -0.41 8.69
C GLY A 223 -19.71 -0.32 9.21
N LEU A 224 -19.22 -1.46 9.67
CA LEU A 224 -17.87 -1.57 10.19
C LEU A 224 -17.07 -2.34 9.16
N TRP A 225 -15.84 -1.93 8.93
CA TRP A 225 -15.00 -2.65 7.97
C TRP A 225 -14.86 -4.10 8.43
N LYS A 226 -14.90 -5.04 7.49
CA LYS A 226 -14.69 -6.43 7.87
C LYS A 226 -13.21 -6.50 8.23
N SER A 227 -12.43 -5.62 7.58
CA SER A 227 -11.00 -5.49 7.82
C SER A 227 -10.75 -4.01 8.12
N LYS A 228 -10.85 -3.61 9.39
CA LYS A 228 -10.63 -2.22 9.75
C LYS A 228 -9.19 -1.79 9.53
N PHE A 229 -8.94 -0.48 9.57
CA PHE A 229 -7.60 0.07 9.40
C PHE A 229 -7.08 0.46 10.79
N SER A 230 -5.76 0.44 10.95
CA SER A 230 -5.19 0.84 12.23
C SER A 230 -4.94 2.34 12.13
N PRO A 231 -5.35 3.09 13.17
CA PRO A 231 -5.11 4.53 13.10
C PRO A 231 -3.61 4.82 13.15
N GLU A 232 -2.84 3.89 13.70
CA GLU A 232 -1.39 4.06 13.80
C GLU A 232 -0.76 4.13 12.42
N ASN A 233 -1.40 3.50 11.44
CA ASN A 233 -0.87 3.49 10.09
C ASN A 233 -1.39 4.65 9.23
N THR A 234 -2.12 5.58 9.85
CA THR A 234 -2.66 6.71 9.11
C THR A 234 -1.70 7.90 9.15
N ARG A 235 -1.37 8.43 7.98
CA ARG A 235 -0.45 9.56 7.87
C ARG A 235 -0.99 10.75 7.10
N LYS A 236 -0.52 11.94 7.45
CA LYS A 236 -0.92 13.15 6.74
C LYS A 236 -0.19 13.10 5.40
N GLU A 237 -0.79 13.68 4.37
CA GLU A 237 -0.19 13.71 3.05
C GLU A 237 -0.73 14.92 2.27
N LEU A 238 0.18 15.73 1.73
CA LEU A 238 -0.25 16.90 0.98
C LEU A 238 -1.06 16.47 -0.23
N PHE A 239 -2.26 17.04 -0.36
CA PHE A 239 -3.14 16.75 -1.48
C PHE A 239 -3.23 18.00 -2.32
N TYR A 240 -2.87 17.91 -3.60
CA TYR A 240 -2.90 19.08 -4.47
C TYR A 240 -4.18 19.21 -5.30
N LYS A 241 -4.87 20.33 -5.09
CA LYS A 241 -6.10 20.62 -5.79
C LYS A 241 -5.73 21.01 -7.21
N ALA A 242 -6.46 20.49 -8.20
CA ALA A 242 -6.20 20.78 -9.61
C ALA A 242 -5.64 22.19 -9.79
N ASP A 243 -6.51 23.18 -9.84
CA ASP A 243 -6.08 24.56 -9.98
C ASP A 243 -5.86 25.13 -8.59
N GLY A 244 -4.61 25.14 -8.13
CA GLY A 244 -4.35 25.68 -6.81
C GLY A 244 -3.25 25.03 -6.00
N GLU A 245 -3.39 25.16 -4.68
CA GLU A 245 -2.43 24.62 -3.73
C GLU A 245 -2.92 23.33 -3.10
N SER A 246 -2.38 23.01 -1.94
CA SER A 246 -2.73 21.79 -1.23
C SER A 246 -3.50 22.02 0.05
N CYS A 247 -3.81 20.90 0.69
CA CYS A 247 -4.50 20.85 1.96
C CYS A 247 -4.12 19.50 2.55
N SER A 248 -3.88 19.48 3.85
CA SER A 248 -3.50 18.24 4.53
C SER A 248 -4.61 17.19 4.42
N ALA A 249 -4.22 15.92 4.27
CA ALA A 249 -5.18 14.84 4.15
C ALA A 249 -4.75 13.64 4.98
N SER A 250 -5.72 12.98 5.62
CA SER A 250 -5.43 11.81 6.42
C SER A 250 -5.58 10.59 5.55
N MET A 251 -4.46 9.96 5.22
CA MET A 251 -4.45 8.78 4.39
C MET A 251 -4.32 7.55 5.28
N MET A 252 -5.23 6.61 5.12
CA MET A 252 -5.21 5.38 5.91
C MET A 252 -4.38 4.38 5.12
N TYR A 253 -3.87 3.38 5.83
CA TYR A 253 -3.02 2.37 5.21
C TYR A 253 -3.36 1.01 5.78
N GLN A 254 -3.45 0.02 4.89
CA GLN A 254 -3.74 -1.33 5.32
C GLN A 254 -3.21 -2.33 4.30
N GLU A 255 -2.88 -3.52 4.76
CA GLU A 255 -2.37 -4.56 3.88
C GLU A 255 -3.18 -5.82 4.15
N GLY A 256 -3.57 -6.53 3.09
CA GLY A 256 -4.37 -7.73 3.25
C GLY A 256 -5.01 -8.26 1.98
N LYS A 257 -5.83 -9.29 2.13
CA LYS A 257 -6.52 -9.90 1.00
C LYS A 257 -7.87 -9.24 0.76
N PHE A 258 -8.11 -8.85 -0.49
CA PHE A 258 -9.34 -8.20 -0.89
C PHE A 258 -9.73 -8.65 -2.28
N ARG A 259 -11.01 -8.62 -2.59
CA ARG A 259 -11.47 -8.99 -3.91
C ARG A 259 -11.11 -7.75 -4.74
N TYR A 260 -10.18 -7.93 -5.66
CA TYR A 260 -9.69 -6.82 -6.47
C TYR A 260 -9.54 -7.19 -7.94
N ARG A 261 -9.23 -6.19 -8.77
CA ARG A 261 -9.04 -6.41 -10.20
C ARG A 261 -8.69 -5.17 -10.99
N ARG A 262 -7.55 -5.23 -11.67
CA ARG A 262 -7.09 -4.13 -12.53
C ARG A 262 -7.65 -4.50 -13.89
N VAL A 263 -8.33 -3.57 -14.55
CA VAL A 263 -8.92 -3.86 -15.85
C VAL A 263 -8.45 -2.97 -16.99
N ALA A 264 -9.28 -2.84 -18.02
CA ALA A 264 -8.94 -2.03 -19.19
C ALA A 264 -8.38 -0.66 -18.88
N GLU A 265 -7.37 -0.27 -19.64
CA GLU A 265 -6.70 1.02 -19.51
C GLU A 265 -6.15 1.29 -18.12
N GLY A 266 -5.90 0.22 -17.36
CA GLY A 266 -5.34 0.41 -16.04
C GLY A 266 -6.31 0.84 -14.97
N THR A 267 -7.60 0.65 -15.21
CA THR A 267 -8.58 1.01 -14.21
C THR A 267 -8.62 -0.06 -13.14
N GLN A 268 -8.58 0.38 -11.88
CA GLN A 268 -8.64 -0.54 -10.75
C GLN A 268 -10.02 -0.59 -10.11
N VAL A 269 -10.44 -1.79 -9.74
CA VAL A 269 -11.73 -1.99 -9.07
C VAL A 269 -11.41 -2.71 -7.75
N LEU A 270 -11.74 -2.06 -6.65
CA LEU A 270 -11.47 -2.65 -5.34
C LEU A 270 -12.75 -2.72 -4.50
N GLU A 271 -13.02 -3.89 -3.90
CA GLU A 271 -14.19 -4.06 -3.06
C GLU A 271 -13.84 -4.16 -1.56
N LEU A 272 -14.45 -3.30 -0.76
CA LEU A 272 -14.21 -3.29 0.69
C LEU A 272 -15.51 -3.69 1.39
N PRO A 273 -15.62 -4.98 1.79
CA PRO A 273 -16.81 -5.49 2.46
C PRO A 273 -16.91 -5.04 3.90
N PHE A 274 -18.14 -4.91 4.38
CA PHE A 274 -18.39 -4.52 5.75
C PHE A 274 -18.70 -5.81 6.51
N LYS A 275 -18.71 -5.75 7.84
CA LYS A 275 -19.01 -6.96 8.62
C LYS A 275 -20.31 -7.56 8.14
N GLY A 276 -20.28 -8.85 7.81
CA GLY A 276 -21.46 -9.53 7.33
C GLY A 276 -21.33 -9.89 5.86
N ASP A 277 -20.62 -9.05 5.10
CA ASP A 277 -20.39 -9.27 3.68
C ASP A 277 -21.59 -8.99 2.77
N ASP A 278 -22.74 -8.70 3.35
CA ASP A 278 -23.96 -8.42 2.57
C ASP A 278 -23.95 -7.01 1.96
N ILE A 279 -23.20 -6.11 2.58
CA ILE A 279 -23.06 -4.74 2.10
C ILE A 279 -21.58 -4.41 1.92
N THR A 280 -21.19 -4.00 0.71
CA THR A 280 -19.79 -3.68 0.47
C THR A 280 -19.61 -2.30 -0.15
N MET A 281 -18.37 -1.82 -0.16
CA MET A 281 -18.06 -0.54 -0.78
C MET A 281 -17.10 -0.80 -1.90
N VAL A 282 -17.49 -0.44 -3.12
CA VAL A 282 -16.63 -0.63 -4.27
C VAL A 282 -16.03 0.70 -4.68
N LEU A 283 -14.71 0.75 -4.76
CA LEU A 283 -14.00 1.95 -5.19
C LEU A 283 -13.57 1.70 -6.63
N ILE A 284 -13.57 2.73 -7.45
CA ILE A 284 -13.12 2.57 -8.82
C ILE A 284 -12.21 3.75 -9.19
N LEU A 285 -11.01 3.43 -9.66
CA LEU A 285 -10.08 4.48 -10.03
C LEU A 285 -9.35 4.24 -11.34
N PRO A 286 -9.31 5.28 -12.19
CA PRO A 286 -8.64 5.21 -13.49
C PRO A 286 -7.15 5.13 -13.25
N LYS A 287 -6.39 4.82 -14.29
CA LYS A 287 -4.94 4.75 -14.16
C LYS A 287 -4.49 6.19 -13.96
N PRO A 288 -3.39 6.40 -13.22
CA PRO A 288 -2.90 7.77 -12.98
C PRO A 288 -2.65 8.53 -14.28
N GLU A 289 -3.18 9.75 -14.33
CA GLU A 289 -3.06 10.65 -15.48
C GLU A 289 -4.18 10.41 -16.48
N LYS A 290 -4.89 9.28 -16.35
CA LYS A 290 -6.00 8.98 -17.23
C LYS A 290 -7.24 9.59 -16.56
N SER A 291 -8.12 10.19 -17.36
CA SER A 291 -9.32 10.83 -16.82
C SER A 291 -10.45 9.90 -16.42
N LEU A 292 -11.18 10.29 -15.39
CA LEU A 292 -12.30 9.50 -14.87
C LEU A 292 -13.54 9.63 -15.75
N ALA A 293 -13.74 10.82 -16.32
CA ALA A 293 -14.90 11.09 -17.17
C ALA A 293 -15.15 10.01 -18.22
N LYS A 294 -14.09 9.40 -18.71
CA LYS A 294 -14.21 8.35 -19.70
C LYS A 294 -14.92 7.13 -19.12
N VAL A 295 -14.60 6.81 -17.87
CA VAL A 295 -15.21 5.67 -17.18
C VAL A 295 -16.69 5.93 -16.89
N GLU A 296 -17.00 7.15 -16.48
CA GLU A 296 -18.37 7.55 -16.15
C GLU A 296 -19.27 7.48 -17.37
N LYS A 297 -18.74 7.86 -18.53
CA LYS A 297 -19.52 7.85 -19.76
C LYS A 297 -19.80 6.44 -20.28
N GLU A 298 -19.14 5.45 -19.69
CA GLU A 298 -19.33 4.08 -20.12
C GLU A 298 -19.94 3.23 -19.01
N LEU A 299 -20.29 3.89 -17.91
CA LEU A 299 -20.88 3.21 -16.75
C LEU A 299 -22.25 2.65 -17.09
N THR A 300 -22.56 1.49 -16.54
CA THR A 300 -23.81 0.79 -16.80
C THR A 300 -23.98 -0.36 -15.81
N PRO A 301 -25.23 -0.71 -15.45
CA PRO A 301 -25.41 -1.81 -14.50
C PRO A 301 -24.61 -3.05 -14.92
N GLU A 302 -24.57 -3.32 -16.23
CA GLU A 302 -23.85 -4.47 -16.75
C GLU A 302 -22.34 -4.26 -16.75
N VAL A 303 -21.89 -3.08 -17.18
CA VAL A 303 -20.45 -2.80 -17.16
C VAL A 303 -19.95 -3.09 -15.75
N LEU A 304 -20.67 -2.53 -14.78
CA LEU A 304 -20.37 -2.66 -13.36
C LEU A 304 -20.44 -4.13 -12.92
N GLN A 305 -21.39 -4.87 -13.47
CA GLN A 305 -21.56 -6.27 -13.12
C GLN A 305 -20.36 -7.01 -13.67
N GLU A 306 -19.97 -6.65 -14.89
CA GLU A 306 -18.84 -7.27 -15.54
C GLU A 306 -17.64 -7.21 -14.61
N TRP A 307 -17.30 -6.00 -14.19
CA TRP A 307 -16.20 -5.79 -13.28
C TRP A 307 -16.37 -6.64 -12.03
N LEU A 308 -17.50 -6.49 -11.35
CA LEU A 308 -17.77 -7.24 -10.13
C LEU A 308 -17.53 -8.74 -10.27
N ASP A 309 -17.71 -9.27 -11.47
CA ASP A 309 -17.50 -10.69 -11.71
C ASP A 309 -16.05 -11.06 -11.93
N GLU A 310 -15.23 -10.09 -12.31
CA GLU A 310 -13.81 -10.32 -12.58
C GLU A 310 -12.91 -10.17 -11.36
N LEU A 311 -13.44 -9.66 -10.27
CA LEU A 311 -12.63 -9.49 -9.08
C LEU A 311 -12.15 -10.84 -8.55
N GLU A 312 -10.91 -10.88 -8.07
CA GLU A 312 -10.30 -12.08 -7.50
C GLU A 312 -9.66 -11.72 -6.15
N GLU A 313 -9.57 -12.71 -5.25
CA GLU A 313 -8.94 -12.50 -3.95
C GLU A 313 -7.47 -12.18 -4.17
N MET A 314 -6.97 -11.11 -3.59
CA MET A 314 -5.56 -10.79 -3.78
C MET A 314 -4.96 -10.03 -2.62
N MET A 315 -3.68 -10.30 -2.37
CA MET A 315 -2.95 -9.64 -1.31
C MET A 315 -2.60 -8.27 -1.84
N LEU A 316 -3.06 -7.21 -1.18
CA LEU A 316 -2.69 -5.89 -1.64
C LEU A 316 -2.60 -4.87 -0.54
N VAL A 317 -1.95 -3.76 -0.85
CA VAL A 317 -1.80 -2.67 0.08
C VAL A 317 -2.87 -1.66 -0.34
N VAL A 318 -3.66 -1.19 0.62
CA VAL A 318 -4.69 -0.20 0.34
C VAL A 318 -4.42 1.12 1.04
N HIS A 319 -4.31 2.18 0.26
CA HIS A 319 -4.13 3.54 0.79
C HIS A 319 -5.48 4.19 0.51
N MET A 320 -6.09 4.77 1.53
CA MET A 320 -7.39 5.42 1.36
C MET A 320 -7.59 6.51 2.40
N PRO A 321 -8.05 7.68 1.97
CA PRO A 321 -8.26 8.78 2.91
C PRO A 321 -9.40 8.66 3.90
N ARG A 322 -9.24 9.34 5.04
CA ARG A 322 -10.25 9.43 6.09
C ARG A 322 -10.96 10.69 5.62
N PHE A 323 -12.28 10.63 5.46
CA PHE A 323 -12.95 11.82 4.96
C PHE A 323 -14.47 11.77 5.08
N ARG A 324 -15.09 12.85 4.64
CA ARG A 324 -16.55 12.96 4.62
C ARG A 324 -16.87 13.99 3.55
N ILE A 325 -17.92 13.71 2.79
CA ILE A 325 -18.38 14.64 1.77
C ILE A 325 -19.90 14.75 1.90
N GLU A 326 -20.41 15.94 1.60
CA GLU A 326 -21.84 16.21 1.69
C GLU A 326 -22.27 16.82 0.37
N ASP A 327 -23.33 16.29 -0.22
CA ASP A 327 -23.81 16.80 -1.49
C ASP A 327 -25.31 17.11 -1.39
N GLY A 328 -25.75 18.16 -2.07
CA GLY A 328 -27.15 18.55 -2.04
C GLY A 328 -27.54 19.15 -3.38
N PHE A 329 -28.78 18.96 -3.81
CA PHE A 329 -29.19 19.51 -5.10
C PHE A 329 -30.65 19.29 -5.48
N SER A 330 -31.07 20.01 -6.52
CA SER A 330 -32.41 19.88 -7.03
C SER A 330 -32.36 18.74 -8.05
N LEU A 331 -33.46 18.02 -8.20
CA LEU A 331 -33.47 16.91 -9.13
C LEU A 331 -34.28 17.22 -10.36
N LYS A 332 -35.02 18.32 -10.32
CA LYS A 332 -35.88 18.67 -11.45
C LYS A 332 -35.20 18.64 -12.83
N GLU A 333 -34.13 19.42 -12.98
CA GLU A 333 -33.39 19.52 -14.23
C GLU A 333 -33.01 18.16 -14.82
N GLN A 334 -32.20 17.42 -14.08
CA GLN A 334 -31.74 16.11 -14.53
C GLN A 334 -32.88 15.20 -14.96
N LEU A 335 -33.89 15.10 -14.09
CA LEU A 335 -35.04 14.26 -14.35
C LEU A 335 -35.83 14.66 -15.57
N GLN A 336 -35.96 15.96 -15.82
CA GLN A 336 -36.72 16.38 -17.00
C GLN A 336 -35.99 15.87 -18.23
N ASP A 337 -34.69 16.16 -18.30
CA ASP A 337 -33.84 15.73 -19.41
C ASP A 337 -33.87 14.23 -19.62
N MET A 338 -34.25 13.49 -18.57
CA MET A 338 -34.29 12.04 -18.66
C MET A 338 -35.65 11.53 -19.10
N GLY A 339 -36.66 12.40 -19.05
CA GLY A 339 -37.99 11.99 -19.45
C GLY A 339 -39.13 12.57 -18.62
N LEU A 340 -38.92 12.82 -17.33
CA LEU A 340 -39.97 13.38 -16.46
C LEU A 340 -40.30 14.85 -16.78
N VAL A 341 -41.26 15.07 -17.67
CA VAL A 341 -41.63 16.44 -18.03
C VAL A 341 -42.94 16.84 -17.39
N ASP A 342 -43.98 16.05 -17.65
CA ASP A 342 -45.30 16.31 -17.12
C ASP A 342 -45.34 16.65 -15.63
N LEU A 343 -44.92 15.70 -14.80
CA LEU A 343 -44.93 15.86 -13.35
C LEU A 343 -44.55 17.24 -12.81
N PHE A 344 -43.66 17.95 -13.50
CA PHE A 344 -43.26 19.28 -13.02
C PHE A 344 -44.03 20.42 -13.68
N SER A 345 -44.88 20.08 -14.64
CA SER A 345 -45.68 21.07 -15.36
C SER A 345 -47.01 21.40 -14.68
N PRO A 346 -47.18 22.66 -14.26
CA PRO A 346 -48.43 23.06 -13.60
C PRO A 346 -49.63 22.85 -14.52
N GLU A 347 -49.36 22.64 -15.80
CA GLU A 347 -50.43 22.44 -16.77
C GLU A 347 -50.72 20.98 -17.09
N LYS A 348 -49.67 20.22 -17.38
CA LYS A 348 -49.81 18.81 -17.75
C LYS A 348 -49.76 17.77 -16.62
N SER A 349 -49.28 18.17 -15.45
CA SER A 349 -49.16 17.23 -14.33
C SER A 349 -50.50 16.60 -13.97
N LYS A 350 -50.50 15.29 -13.73
CA LYS A 350 -51.73 14.57 -13.39
C LYS A 350 -51.59 13.71 -12.13
N LEU A 351 -51.88 14.31 -10.98
CA LEU A 351 -51.82 13.62 -9.71
C LEU A 351 -53.17 13.72 -9.02
N PRO A 352 -54.22 13.14 -9.64
CA PRO A 352 -55.60 13.14 -9.12
C PRO A 352 -55.86 12.30 -7.86
N GLY A 353 -55.15 11.19 -7.72
CA GLY A 353 -55.37 10.32 -6.57
C GLY A 353 -54.83 10.74 -5.21
N ILE A 354 -54.39 11.98 -5.06
CA ILE A 354 -53.85 12.44 -3.78
C ILE A 354 -54.90 13.19 -2.93
N VAL A 355 -55.32 14.37 -3.38
CA VAL A 355 -56.33 15.14 -2.65
C VAL A 355 -57.72 14.77 -3.16
N ALA A 356 -58.61 14.45 -2.23
CA ALA A 356 -59.98 14.09 -2.59
C ALA A 356 -60.81 15.37 -2.75
N GLU A 357 -60.62 16.30 -1.82
CA GLU A 357 -61.31 17.59 -1.80
C GLU A 357 -60.40 18.67 -1.20
N GLY A 358 -60.25 19.80 -1.89
CA GLY A 358 -59.41 20.86 -1.39
C GLY A 358 -58.56 21.53 -2.45
N ARG A 359 -58.01 20.73 -3.37
CA ARG A 359 -57.17 21.21 -4.46
C ARG A 359 -57.39 20.27 -5.63
N ASP A 360 -56.84 20.60 -6.80
CA ASP A 360 -57.00 19.72 -7.95
C ASP A 360 -55.95 19.90 -9.02
N ASP A 361 -55.16 20.97 -8.92
CA ASP A 361 -54.10 21.19 -9.89
C ASP A 361 -52.75 20.90 -9.24
N LEU A 362 -52.50 19.62 -8.99
CA LEU A 362 -51.26 19.19 -8.36
C LEU A 362 -50.18 18.87 -9.38
N TYR A 363 -48.99 19.41 -9.13
CA TYR A 363 -47.83 19.21 -9.97
C TYR A 363 -46.66 19.34 -9.00
N VAL A 364 -45.51 18.78 -9.36
CA VAL A 364 -44.33 18.87 -8.50
C VAL A 364 -43.59 20.14 -8.85
N SER A 365 -43.38 21.00 -7.85
CA SER A 365 -42.67 22.24 -8.10
C SER A 365 -41.18 21.95 -8.16
N ASP A 366 -40.73 21.05 -7.30
CA ASP A 366 -39.33 20.70 -7.23
C ASP A 366 -39.16 19.41 -6.43
N ALA A 367 -37.93 18.92 -6.40
CA ALA A 367 -37.57 17.72 -5.67
C ALA A 367 -36.12 17.89 -5.26
N PHE A 368 -35.83 17.73 -3.98
CA PHE A 368 -34.45 17.90 -3.53
C PHE A 368 -33.89 16.61 -2.95
N HIS A 369 -32.57 16.49 -2.98
CA HIS A 369 -31.86 15.32 -2.47
C HIS A 369 -30.63 15.84 -1.72
N LYS A 370 -30.20 15.11 -0.69
CA LYS A 370 -29.03 15.49 0.07
C LYS A 370 -28.41 14.20 0.62
N ALA A 371 -27.11 14.04 0.41
CA ALA A 371 -26.40 12.84 0.84
C ALA A 371 -25.18 13.17 1.66
N PHE A 372 -24.80 12.23 2.53
CA PHE A 372 -23.65 12.39 3.40
C PHE A 372 -22.85 11.09 3.46
N LEU A 373 -21.53 11.19 3.32
CA LEU A 373 -20.65 10.04 3.39
C LEU A 373 -19.40 10.32 4.24
N GLU A 374 -19.12 9.44 5.20
CA GLU A 374 -17.95 9.60 6.05
C GLU A 374 -17.24 8.25 6.11
N VAL A 375 -15.91 8.28 5.93
CA VAL A 375 -15.11 7.07 5.94
C VAL A 375 -13.91 7.17 6.86
N ASN A 376 -13.74 6.18 7.72
CA ASN A 376 -12.59 6.18 8.63
C ASN A 376 -12.05 4.77 8.85
N GLU A 377 -11.20 4.62 9.86
CA GLU A 377 -10.60 3.33 10.16
C GLU A 377 -11.59 2.28 10.64
N GLU A 378 -12.58 2.72 11.41
CA GLU A 378 -13.59 1.78 11.93
C GLU A 378 -14.53 1.28 10.84
N GLY A 379 -14.89 2.16 9.91
CA GLY A 379 -15.79 1.75 8.85
C GLY A 379 -16.32 2.92 8.04
N SER A 380 -17.62 2.90 7.76
CA SER A 380 -18.22 3.97 6.96
C SER A 380 -19.63 4.38 7.43
N GLU A 381 -20.03 5.61 7.12
CA GLU A 381 -21.36 6.12 7.49
C GLU A 381 -21.97 6.94 6.34
N ALA A 382 -23.17 6.56 5.90
CA ALA A 382 -23.84 7.29 4.81
C ALA A 382 -25.33 7.50 5.09
N ALA A 383 -25.86 8.65 4.67
CA ALA A 383 -27.26 8.97 4.85
C ALA A 383 -27.74 9.84 3.69
N ALA A 384 -29.03 9.75 3.38
CA ALA A 384 -29.60 10.52 2.30
C ALA A 384 -31.07 10.82 2.51
N SER A 385 -31.63 11.64 1.64
CA SER A 385 -33.03 11.99 1.73
C SER A 385 -33.52 12.68 0.46
N THR A 386 -34.77 12.42 0.11
CA THR A 386 -35.38 13.00 -1.07
C THR A 386 -36.73 13.57 -0.66
N ALA A 387 -36.99 14.80 -1.07
CA ALA A 387 -38.25 15.44 -0.74
C ALA A 387 -38.86 15.95 -2.03
N VAL A 388 -40.04 15.42 -2.35
CA VAL A 388 -40.75 15.84 -3.55
C VAL A 388 -41.80 16.84 -3.07
N VAL A 389 -41.63 18.10 -3.45
CA VAL A 389 -42.53 19.17 -3.04
C VAL A 389 -43.62 19.44 -4.08
N ILE A 390 -44.89 19.32 -3.65
CA ILE A 390 -46.03 19.56 -4.52
C ILE A 390 -46.52 20.99 -4.39
N ALA A 391 -46.75 21.63 -5.53
CA ALA A 391 -47.25 22.99 -5.60
C ALA A 391 -46.49 24.01 -4.76
N GLY A 392 -45.20 23.79 -4.57
CA GLY A 392 -44.41 24.75 -3.82
C GLY A 392 -43.82 25.76 -4.80
N ARG A 393 -42.86 26.55 -4.34
CA ARG A 393 -42.23 27.52 -5.24
C ARG A 393 -40.98 26.87 -5.82
N SER A 394 -40.87 26.82 -7.15
CA SER A 394 -39.71 26.23 -7.77
C SER A 394 -38.48 27.09 -7.51
N LEU A 395 -37.58 26.61 -6.66
CA LEU A 395 -36.37 27.36 -6.34
C LEU A 395 -35.32 27.17 -7.41
N ASN A 396 -34.55 28.22 -7.69
CA ASN A 396 -33.49 28.15 -8.68
C ASN A 396 -32.38 27.27 -8.13
N PRO A 397 -31.78 26.43 -8.98
CA PRO A 397 -30.71 25.52 -8.59
C PRO A 397 -29.60 26.12 -7.71
N ASN A 398 -29.42 25.56 -6.53
CA ASN A 398 -28.40 26.01 -5.59
C ASN A 398 -27.05 25.63 -6.17
N ARG A 399 -25.98 25.73 -5.38
CA ARG A 399 -24.65 25.36 -5.86
C ARG A 399 -23.50 25.67 -4.89
N VAL A 400 -22.55 24.75 -4.83
CA VAL A 400 -21.39 24.87 -3.95
C VAL A 400 -20.18 24.21 -4.64
N THR A 401 -19.46 24.98 -5.46
CA THR A 401 -18.30 24.47 -6.18
C THR A 401 -16.97 24.67 -5.48
N PHE A 402 -16.18 23.61 -5.39
CA PHE A 402 -14.86 23.63 -4.76
C PHE A 402 -13.96 22.58 -5.40
N LYS A 403 -14.13 22.38 -6.70
CA LYS A 403 -13.36 21.38 -7.44
C LYS A 403 -12.00 21.04 -6.85
N ALA A 404 -11.71 19.75 -6.79
CA ALA A 404 -10.45 19.24 -6.25
C ALA A 404 -9.61 18.57 -7.33
N ASN A 405 -9.47 17.25 -7.27
CA ASN A 405 -8.65 16.55 -8.25
C ASN A 405 -8.65 15.03 -8.08
N ARG A 406 -8.10 14.34 -9.08
CA ARG A 406 -7.99 12.87 -9.09
C ARG A 406 -9.06 12.16 -8.27
N PRO A 407 -10.31 12.21 -8.75
CA PRO A 407 -11.41 11.56 -8.02
C PRO A 407 -11.58 10.09 -8.38
N PHE A 408 -12.15 9.34 -7.44
CA PHE A 408 -12.46 7.94 -7.67
C PHE A 408 -13.95 7.74 -7.41
N LEU A 409 -14.56 6.77 -8.08
CA LEU A 409 -15.97 6.49 -7.87
C LEU A 409 -16.16 5.62 -6.62
N VAL A 410 -17.34 5.68 -6.04
CA VAL A 410 -17.64 4.89 -4.85
C VAL A 410 -19.05 4.32 -4.95
N PHE A 411 -19.24 3.10 -4.46
CA PHE A 411 -20.55 2.48 -4.47
C PHE A 411 -20.73 1.75 -3.15
N ILE A 412 -21.90 1.85 -2.55
CA ILE A 412 -22.15 1.12 -1.33
C ILE A 412 -23.36 0.29 -1.69
N ARG A 413 -23.13 -0.98 -2.01
CA ARG A 413 -24.24 -1.82 -2.42
C ARG A 413 -24.49 -3.01 -1.50
N GLU A 414 -25.69 -3.58 -1.65
CA GLU A 414 -26.10 -4.75 -0.88
C GLU A 414 -26.01 -5.85 -1.93
N VAL A 415 -25.09 -6.79 -1.71
CA VAL A 415 -24.83 -7.88 -2.64
C VAL A 415 -25.97 -8.84 -2.96
N PRO A 416 -26.59 -9.44 -1.94
CA PRO A 416 -27.69 -10.39 -2.17
C PRO A 416 -28.86 -9.80 -2.96
N LEU A 417 -29.12 -8.51 -2.77
CA LEU A 417 -30.23 -7.85 -3.45
C LEU A 417 -29.84 -7.06 -4.70
N ASN A 418 -28.56 -7.05 -5.04
CA ASN A 418 -28.10 -6.36 -6.25
C ASN A 418 -28.62 -4.91 -6.29
N THR A 419 -28.51 -4.23 -5.16
CA THR A 419 -28.99 -2.85 -5.04
C THR A 419 -27.88 -1.83 -4.72
N ILE A 420 -27.83 -0.78 -5.52
CA ILE A 420 -26.86 0.31 -5.31
C ILE A 420 -27.53 1.27 -4.31
N ILE A 421 -27.13 1.19 -3.05
CA ILE A 421 -27.69 2.03 -2.01
C ILE A 421 -27.17 3.46 -2.12
N PHE A 422 -25.86 3.60 -2.28
CA PHE A 422 -25.22 4.90 -2.42
C PHE A 422 -24.18 4.82 -3.55
N MET A 423 -23.97 5.94 -4.22
CA MET A 423 -22.96 6.01 -5.26
C MET A 423 -22.42 7.42 -5.37
N GLY A 424 -21.19 7.55 -5.85
CA GLY A 424 -20.63 8.88 -5.97
C GLY A 424 -19.18 8.95 -6.41
N ARG A 425 -18.67 10.18 -6.45
CA ARG A 425 -17.30 10.44 -6.85
C ARG A 425 -16.59 11.26 -5.78
N VAL A 426 -15.61 10.66 -5.12
CA VAL A 426 -14.86 11.37 -4.09
C VAL A 426 -13.71 12.08 -4.78
N ALA A 427 -13.69 13.41 -4.69
CA ALA A 427 -12.64 14.18 -5.31
C ALA A 427 -11.89 15.03 -4.29
N ASN A 428 -12.57 15.47 -3.25
CA ASN A 428 -11.90 16.30 -2.25
C ASN A 428 -11.78 15.60 -0.90
N PRO A 429 -10.67 14.85 -0.69
CA PRO A 429 -10.35 14.11 0.53
C PRO A 429 -9.71 14.99 1.58
N CYS A 430 -9.95 16.30 1.50
CA CYS A 430 -9.36 17.24 2.45
C CYS A 430 -10.25 17.66 3.60
N VAL A 431 -11.56 17.62 3.38
CA VAL A 431 -12.53 18.00 4.40
C VAL A 431 -12.08 19.25 5.18
N VAL B 5 28.25 -18.19 30.92
CA VAL B 5 28.69 -16.86 30.50
C VAL B 5 28.33 -16.57 29.04
N ASP B 6 27.32 -15.72 28.85
CA ASP B 6 26.87 -15.32 27.52
C ASP B 6 27.69 -14.11 27.06
N ILE B 7 28.39 -14.24 25.94
CA ILE B 7 29.22 -13.15 25.45
C ILE B 7 28.43 -11.89 25.11
N CYS B 8 27.19 -12.05 24.69
CA CYS B 8 26.37 -10.91 24.32
C CYS B 8 26.04 -10.00 25.49
N THR B 9 26.16 -10.52 26.69
CA THR B 9 25.85 -9.73 27.88
C THR B 9 27.07 -9.70 28.80
N ALA B 10 28.19 -10.21 28.30
CA ALA B 10 29.40 -10.28 29.11
C ALA B 10 30.17 -8.96 29.17
N LYS B 11 30.91 -8.79 30.26
CA LYS B 11 31.75 -7.62 30.46
C LYS B 11 33.10 -8.08 29.91
N PRO B 12 33.88 -7.15 29.32
CA PRO B 12 35.17 -7.56 28.78
C PRO B 12 36.00 -8.45 29.70
N ARG B 13 35.84 -8.30 31.02
CA ARG B 13 36.59 -9.09 31.97
C ARG B 13 36.13 -10.56 32.07
N ASP B 14 34.95 -10.87 31.54
CA ASP B 14 34.44 -12.23 31.61
C ASP B 14 34.91 -13.06 30.42
N ILE B 15 35.64 -12.44 29.51
CA ILE B 15 36.11 -13.15 28.33
C ILE B 15 37.62 -13.01 28.06
N PRO B 16 38.43 -13.88 28.68
CA PRO B 16 39.89 -13.89 28.53
C PRO B 16 40.31 -14.24 27.10
N MET B 17 41.09 -13.38 26.48
CA MET B 17 41.52 -13.64 25.12
C MET B 17 42.81 -14.46 25.01
N ASN B 18 43.69 -14.33 26.00
CA ASN B 18 44.97 -15.03 25.99
C ASN B 18 45.57 -15.11 24.59
N PRO B 19 45.69 -13.97 23.90
CA PRO B 19 46.26 -13.99 22.55
C PRO B 19 47.75 -14.28 22.57
N MET B 20 48.21 -14.97 21.52
CA MET B 20 49.61 -15.32 21.37
C MET B 20 50.47 -14.06 21.27
N CYS B 21 49.92 -13.02 20.64
CA CYS B 21 50.63 -11.75 20.50
C CYS B 21 49.65 -10.58 20.61
N ILE B 22 50.18 -9.37 20.73
CA ILE B 22 49.35 -8.19 20.86
C ILE B 22 49.96 -6.99 20.13
N TYR B 23 49.08 -6.12 19.65
CA TYR B 23 49.49 -4.91 18.94
C TYR B 23 48.73 -3.74 19.55
N ARG B 24 49.43 -2.65 19.85
CA ARG B 24 48.79 -1.47 20.43
C ARG B 24 48.49 -0.46 19.32
N SER B 25 47.21 -0.22 19.08
CA SER B 25 46.81 0.74 18.04
C SER B 25 47.34 2.11 18.46
N PRO B 26 48.04 2.81 17.56
CA PRO B 26 48.58 4.13 17.86
C PRO B 26 47.50 5.14 18.22
N GLU B 27 47.88 6.26 18.81
CA GLU B 27 46.96 7.31 19.20
C GLU B 27 46.39 8.03 17.96
N LYS B 28 45.09 8.30 17.91
CA LYS B 28 44.24 8.85 16.87
C LYS B 28 44.92 10.02 16.16
N LYS B 29 44.00 10.80 15.43
CA LYS B 29 44.30 11.98 14.64
C LYS B 29 44.99 11.59 13.33
N PRO B 41 26.77 9.40 17.67
CA PRO B 41 26.39 8.64 18.87
C PRO B 41 25.01 8.05 18.70
N GLU B 42 24.19 8.24 19.73
CA GLU B 42 22.79 7.77 19.78
C GLU B 42 22.54 6.52 20.59
N ALA B 43 22.47 6.66 21.91
CA ALA B 43 22.16 5.56 22.81
C ALA B 43 22.83 4.19 22.55
N THR B 44 23.73 4.10 21.58
CA THR B 44 24.39 2.83 21.30
C THR B 44 25.75 2.74 21.97
N ASN B 45 26.39 1.58 21.86
CA ASN B 45 27.69 1.36 22.49
C ASN B 45 28.84 2.01 21.73
N ARG B 46 29.60 2.83 22.45
CA ARG B 46 30.76 3.56 21.92
C ARG B 46 31.72 2.68 21.11
N ARG B 47 32.15 1.56 21.70
CA ARG B 47 33.09 0.68 21.05
C ARG B 47 32.57 -0.06 19.81
N VAL B 48 31.37 -0.62 19.87
CA VAL B 48 30.85 -1.34 18.72
C VAL B 48 30.56 -0.34 17.62
N TRP B 49 30.38 0.92 18.00
CA TRP B 49 30.12 1.98 17.04
C TRP B 49 31.41 2.29 16.29
N GLU B 50 32.52 2.28 17.01
CA GLU B 50 33.83 2.55 16.43
C GLU B 50 34.22 1.40 15.50
N LEU B 51 33.91 0.17 15.89
CA LEU B 51 34.24 -0.98 15.07
C LEU B 51 33.40 -0.93 13.79
N SER B 52 32.18 -0.42 13.91
CA SER B 52 31.31 -0.28 12.76
C SER B 52 31.95 0.70 11.77
N LYS B 53 32.50 1.79 12.32
CA LYS B 53 33.17 2.81 11.52
C LYS B 53 34.37 2.19 10.80
N ALA B 54 35.15 1.40 11.53
CA ALA B 54 36.33 0.73 10.98
C ALA B 54 35.93 -0.17 9.81
N ASN B 55 34.99 -1.08 10.04
CA ASN B 55 34.55 -1.99 8.99
C ASN B 55 34.14 -1.21 7.75
N SER B 56 33.51 -0.06 7.93
CA SER B 56 33.08 0.76 6.80
C SER B 56 34.24 1.43 6.07
N ARG B 57 35.26 1.82 6.83
CA ARG B 57 36.42 2.45 6.20
C ARG B 57 37.03 1.37 5.30
N PHE B 58 37.09 0.14 5.80
CA PHE B 58 37.64 -0.94 4.99
C PHE B 58 36.72 -1.19 3.82
N ALA B 59 35.42 -1.19 4.08
CA ALA B 59 34.41 -1.43 3.06
C ALA B 59 34.58 -0.50 1.86
N THR B 60 34.45 0.80 2.13
CA THR B 60 34.59 1.84 1.11
C THR B 60 35.92 1.77 0.35
N THR B 61 37.00 1.73 1.11
CA THR B 61 38.33 1.67 0.53
C THR B 61 38.49 0.47 -0.39
N PHE B 62 38.22 -0.71 0.16
CA PHE B 62 38.33 -1.94 -0.61
C PHE B 62 37.43 -1.92 -1.82
N TYR B 63 36.27 -1.27 -1.71
CA TYR B 63 35.36 -1.19 -2.84
C TYR B 63 35.97 -0.30 -3.94
N GLN B 64 36.56 0.82 -3.54
CA GLN B 64 37.18 1.73 -4.50
C GLN B 64 38.24 0.98 -5.30
N HIS B 65 39.08 0.22 -4.61
CA HIS B 65 40.13 -0.57 -5.23
C HIS B 65 39.55 -1.58 -6.19
N LEU B 66 38.62 -2.38 -5.68
CA LEU B 66 37.98 -3.42 -6.47
C LEU B 66 37.34 -2.86 -7.72
N ALA B 67 36.62 -1.74 -7.58
CA ALA B 67 35.96 -1.14 -8.72
C ALA B 67 36.95 -0.59 -9.74
N ASP B 68 38.08 -0.11 -9.25
CA ASP B 68 39.07 0.45 -10.15
C ASP B 68 39.68 -0.61 -11.05
N SER B 69 39.78 -1.84 -10.56
CA SER B 69 40.35 -2.94 -11.33
C SER B 69 39.28 -3.61 -12.17
N LYS B 70 38.08 -3.05 -12.13
CA LYS B 70 36.95 -3.62 -12.83
C LYS B 70 36.49 -2.71 -13.97
N ASN B 71 35.98 -3.31 -15.03
CA ASN B 71 35.49 -2.57 -16.18
C ASN B 71 34.14 -1.94 -15.82
N ASP B 72 33.93 -0.69 -16.24
CA ASP B 72 32.70 0.05 -15.94
C ASP B 72 31.36 -0.61 -16.29
N ASN B 73 31.39 -1.61 -17.16
CA ASN B 73 30.17 -2.30 -17.57
C ASN B 73 29.89 -3.55 -16.71
N ASP B 74 30.72 -3.79 -15.72
CA ASP B 74 30.52 -4.97 -14.90
C ASP B 74 29.78 -4.66 -13.61
N ASN B 75 28.93 -5.60 -13.19
CA ASN B 75 28.22 -5.43 -11.95
C ASN B 75 29.20 -5.88 -10.89
N ILE B 76 29.04 -5.38 -9.68
CA ILE B 76 29.92 -5.75 -8.60
C ILE B 76 29.06 -5.98 -7.37
N PHE B 77 29.39 -6.99 -6.59
CA PHE B 77 28.66 -7.23 -5.38
C PHE B 77 29.49 -8.07 -4.43
N LEU B 78 29.42 -7.74 -3.15
CA LEU B 78 30.19 -8.45 -2.15
C LEU B 78 29.68 -8.09 -0.75
N SER B 79 30.32 -8.65 0.26
CA SER B 79 29.96 -8.35 1.64
C SER B 79 31.24 -7.98 2.39
N PRO B 80 31.44 -6.68 2.64
CA PRO B 80 32.64 -6.21 3.35
C PRO B 80 32.67 -6.80 4.76
N LEU B 81 31.48 -6.92 5.36
CA LEU B 81 31.33 -7.44 6.70
C LEU B 81 31.83 -8.88 6.75
N SER B 82 31.47 -9.64 5.74
CA SER B 82 31.89 -11.03 5.59
C SER B 82 33.43 -11.09 5.58
N ILE B 83 34.03 -10.27 4.75
CA ILE B 83 35.48 -10.23 4.61
C ILE B 83 36.14 -9.80 5.91
N SER B 84 35.69 -8.69 6.48
CA SER B 84 36.23 -8.19 7.74
C SER B 84 36.19 -9.27 8.83
N THR B 85 35.05 -9.96 8.90
CA THR B 85 34.84 -11.02 9.87
C THR B 85 35.83 -12.19 9.67
N ALA B 86 36.00 -12.62 8.44
CA ALA B 86 36.90 -13.74 8.16
C ALA B 86 38.31 -13.41 8.59
N PHE B 87 38.82 -12.28 8.12
CA PHE B 87 40.19 -11.90 8.46
C PHE B 87 40.35 -11.54 9.93
N ALA B 88 39.29 -11.04 10.55
CA ALA B 88 39.35 -10.72 11.97
C ALA B 88 39.48 -12.05 12.71
N MET B 89 38.92 -13.10 12.14
CA MET B 89 38.97 -14.45 12.69
C MET B 89 40.38 -15.00 12.55
N THR B 90 41.00 -14.67 11.42
CA THR B 90 42.35 -15.14 11.13
C THR B 90 43.36 -14.40 11.99
N LYS B 91 43.05 -13.15 12.32
CA LYS B 91 43.93 -12.33 13.13
C LYS B 91 44.14 -12.96 14.51
N LEU B 92 43.18 -13.79 14.93
CA LEU B 92 43.28 -14.44 16.24
C LEU B 92 44.56 -15.21 16.44
N GLY B 93 45.16 -15.69 15.35
CA GLY B 93 46.40 -16.43 15.46
C GLY B 93 47.57 -15.71 14.81
N ALA B 94 47.34 -14.44 14.45
CA ALA B 94 48.37 -13.65 13.79
C ALA B 94 49.38 -13.06 14.77
N CYS B 95 50.57 -12.79 14.27
CA CYS B 95 51.60 -12.23 15.12
C CYS B 95 52.54 -11.35 14.32
N ASN B 96 53.26 -10.48 15.00
CA ASN B 96 54.23 -9.60 14.36
C ASN B 96 53.68 -8.75 13.23
N ASP B 97 54.42 -8.71 12.13
CA ASP B 97 54.02 -7.91 10.98
C ASP B 97 52.73 -8.38 10.31
N THR B 98 52.38 -9.65 10.45
CA THR B 98 51.14 -10.16 9.87
C THR B 98 50.00 -9.58 10.73
N LEU B 99 50.22 -9.58 12.04
CA LEU B 99 49.26 -9.08 12.98
C LEU B 99 49.05 -7.60 12.77
N GLN B 100 50.14 -6.88 12.54
CA GLN B 100 50.06 -5.44 12.35
C GLN B 100 49.32 -5.10 11.07
N GLN B 101 49.77 -5.65 9.95
CA GLN B 101 49.13 -5.36 8.68
C GLN B 101 47.63 -5.63 8.73
N LEU B 102 47.25 -6.75 9.34
CA LEU B 102 45.85 -7.10 9.45
C LEU B 102 45.11 -5.96 10.16
N MET B 103 45.67 -5.47 11.25
CA MET B 103 45.06 -4.39 12.00
C MET B 103 44.97 -3.09 11.19
N GLU B 104 45.94 -2.88 10.31
CA GLU B 104 45.98 -1.66 9.51
C GLU B 104 45.07 -1.70 8.28
N VAL B 105 45.16 -2.78 7.51
CA VAL B 105 44.36 -2.90 6.31
C VAL B 105 42.86 -2.85 6.64
N PHE B 106 42.43 -3.63 7.62
CA PHE B 106 41.03 -3.67 7.99
C PHE B 106 40.65 -2.54 8.94
N LYS B 107 41.56 -1.59 9.08
CA LYS B 107 41.36 -0.40 9.90
C LYS B 107 40.99 -0.61 11.36
N PHE B 108 41.27 -1.79 11.92
CA PHE B 108 40.95 -2.03 13.32
C PHE B 108 41.82 -1.17 14.21
N ASP B 109 42.97 -0.75 13.67
CA ASP B 109 43.92 0.08 14.40
C ASP B 109 43.43 1.52 14.60
N THR B 110 42.30 1.88 13.98
CA THR B 110 41.75 3.22 14.13
C THR B 110 40.79 3.33 15.30
N ILE B 111 40.81 2.34 16.17
CA ILE B 111 39.99 2.38 17.37
C ILE B 111 41.08 2.64 18.40
N SER B 112 41.54 3.89 18.40
CA SER B 112 42.62 4.42 19.24
C SER B 112 43.03 3.71 20.53
N GLU B 113 44.35 3.56 20.68
CA GLU B 113 44.97 2.94 21.84
C GLU B 113 44.36 1.63 22.30
N LYS B 114 43.55 1.01 21.45
CA LYS B 114 42.93 -0.26 21.78
C LYS B 114 43.85 -1.37 21.29
N THR B 115 44.02 -2.41 22.10
CA THR B 115 44.88 -3.52 21.73
C THR B 115 44.17 -4.45 20.75
N SER B 116 44.96 -5.09 19.90
CA SER B 116 44.43 -6.02 18.89
C SER B 116 43.48 -7.09 19.45
N ASP B 117 43.61 -7.44 20.73
CA ASP B 117 42.75 -8.47 21.29
C ASP B 117 41.37 -7.94 21.68
N GLN B 118 41.30 -6.66 22.02
CA GLN B 118 40.03 -6.02 22.39
C GLN B 118 39.09 -5.91 21.18
N ILE B 119 39.67 -5.85 19.98
CA ILE B 119 38.86 -5.75 18.78
C ILE B 119 37.85 -6.89 18.70
N HIS B 120 38.30 -8.08 19.06
CA HIS B 120 37.46 -9.27 18.99
C HIS B 120 36.28 -9.23 19.96
N PHE B 121 36.47 -8.62 21.12
CA PHE B 121 35.38 -8.53 22.09
C PHE B 121 34.33 -7.60 21.49
N PHE B 122 34.79 -6.50 20.90
CA PHE B 122 33.90 -5.52 20.28
C PHE B 122 33.17 -6.15 19.07
N PHE B 123 33.88 -7.00 18.34
CA PHE B 123 33.33 -7.66 17.17
C PHE B 123 32.23 -8.65 17.54
N ALA B 124 32.34 -9.25 18.71
CA ALA B 124 31.31 -10.19 19.16
C ALA B 124 30.07 -9.38 19.49
N LYS B 125 30.25 -8.22 20.12
CA LYS B 125 29.16 -7.34 20.49
C LYS B 125 28.43 -6.79 19.26
N LEU B 126 29.20 -6.53 18.21
CA LEU B 126 28.64 -6.03 16.97
C LEU B 126 27.79 -7.14 16.35
N ASN B 127 28.31 -8.36 16.36
CA ASN B 127 27.60 -9.49 15.79
C ASN B 127 26.33 -9.81 16.58
N CYS B 128 26.39 -9.64 17.90
CA CYS B 128 25.21 -9.90 18.72
C CYS B 128 24.08 -8.99 18.25
N ARG B 129 24.34 -7.69 18.14
CA ARG B 129 23.30 -6.74 17.70
C ARG B 129 22.80 -7.07 16.29
N LEU B 130 23.72 -7.24 15.35
CA LEU B 130 23.39 -7.54 13.95
C LEU B 130 22.48 -8.75 13.73
N TYR B 131 22.82 -9.87 14.36
CA TYR B 131 22.01 -11.07 14.19
C TYR B 131 21.14 -11.26 15.43
N ARG B 132 20.47 -10.17 15.81
CA ARG B 132 19.58 -10.12 16.97
C ARG B 132 18.63 -11.32 17.00
N LYS B 133 18.15 -11.70 15.83
CA LYS B 133 17.26 -12.84 15.73
C LYS B 133 15.92 -12.60 16.44
N ALA B 134 15.75 -11.42 17.00
CA ALA B 134 14.52 -11.08 17.71
C ALA B 134 13.28 -11.32 16.86
N ASN B 135 12.12 -11.09 17.44
CA ASN B 135 10.83 -11.28 16.75
C ASN B 135 10.74 -10.20 15.67
N LYS B 136 11.73 -10.19 14.78
CA LYS B 136 11.80 -9.22 13.70
C LYS B 136 11.07 -9.64 12.43
N SER B 137 11.19 -8.82 11.40
CA SER B 137 10.54 -9.09 10.12
C SER B 137 11.52 -9.52 9.04
N SER B 138 12.67 -8.85 8.96
CA SER B 138 13.67 -9.21 7.97
C SER B 138 14.64 -10.22 8.55
N LYS B 139 15.12 -11.13 7.71
CA LYS B 139 16.02 -12.18 8.15
C LYS B 139 17.48 -11.85 7.82
N LEU B 140 18.32 -11.76 8.86
CA LEU B 140 19.74 -11.50 8.70
C LEU B 140 20.49 -12.48 9.59
N VAL B 141 21.06 -13.51 8.97
CA VAL B 141 21.79 -14.53 9.72
C VAL B 141 23.21 -14.64 9.24
N SER B 142 24.05 -15.24 10.09
CA SER B 142 25.46 -15.40 9.77
C SER B 142 25.97 -16.73 10.31
N ALA B 143 26.92 -17.33 9.62
CA ALA B 143 27.49 -18.61 10.04
C ALA B 143 28.99 -18.71 9.74
N ASN B 144 29.77 -19.02 10.77
CA ASN B 144 31.22 -19.16 10.65
C ASN B 144 31.67 -20.55 11.01
N ARG B 145 32.67 -21.05 10.29
CA ARG B 145 33.18 -22.37 10.55
C ARG B 145 34.60 -22.61 10.08
N LEU B 146 35.35 -23.33 10.90
CA LEU B 146 36.72 -23.70 10.62
C LEU B 146 36.77 -25.17 10.18
N PHE B 147 37.38 -25.40 9.01
CA PHE B 147 37.51 -26.76 8.48
C PHE B 147 38.99 -27.13 8.48
N GLY B 148 39.41 -27.87 9.51
CA GLY B 148 40.80 -28.29 9.62
C GLY B 148 41.05 -29.74 9.27
N ASP B 149 42.32 -30.08 9.01
CA ASP B 149 42.64 -31.46 8.67
C ASP B 149 42.60 -32.27 9.97
N LYS B 150 41.91 -33.40 9.93
CA LYS B 150 41.75 -34.26 11.10
C LYS B 150 43.06 -34.64 11.79
N SER B 151 44.13 -34.74 11.01
CA SER B 151 45.44 -35.12 11.55
C SER B 151 46.19 -34.03 12.32
N LEU B 152 45.96 -32.77 11.96
CA LEU B 152 46.63 -31.67 12.66
C LEU B 152 46.07 -31.43 14.05
N THR B 153 46.87 -30.76 14.88
CA THR B 153 46.47 -30.43 16.23
C THR B 153 46.42 -28.92 16.38
N PHE B 154 45.21 -28.37 16.34
CA PHE B 154 45.06 -26.92 16.45
C PHE B 154 45.16 -26.42 17.88
N ASN B 155 45.59 -25.16 17.99
CA ASN B 155 45.74 -24.48 19.26
C ASN B 155 44.40 -24.50 20.02
N GLU B 156 44.43 -24.89 21.29
CA GLU B 156 43.22 -24.94 22.11
C GLU B 156 42.57 -23.55 22.30
N THR B 157 43.39 -22.53 22.50
CA THR B 157 42.85 -21.20 22.70
C THR B 157 42.27 -20.70 21.38
N TYR B 158 42.96 -20.99 20.29
CA TYR B 158 42.48 -20.59 18.97
C TYR B 158 41.12 -21.21 18.75
N GLN B 159 41.03 -22.52 19.00
CA GLN B 159 39.80 -23.25 18.81
C GLN B 159 38.68 -22.67 19.68
N ASP B 160 38.95 -22.53 20.97
CA ASP B 160 37.96 -22.01 21.90
C ASP B 160 37.44 -20.61 21.58
N ILE B 161 38.36 -19.65 21.38
CA ILE B 161 38.02 -18.26 21.06
C ILE B 161 37.26 -18.13 19.73
N SER B 162 37.66 -18.89 18.72
CA SER B 162 36.99 -18.85 17.44
C SER B 162 35.52 -19.23 17.63
N GLU B 163 35.28 -20.10 18.59
CA GLU B 163 33.92 -20.54 18.88
C GLU B 163 33.20 -19.51 19.75
N LEU B 164 33.85 -19.11 20.85
CA LEU B 164 33.26 -18.15 21.77
C LEU B 164 32.93 -16.78 21.17
N VAL B 165 33.86 -16.22 20.38
CA VAL B 165 33.66 -14.91 19.78
C VAL B 165 32.89 -14.92 18.46
N TYR B 166 33.24 -15.83 17.56
CA TYR B 166 32.59 -15.88 16.25
C TYR B 166 31.67 -17.07 15.99
N GLY B 167 31.44 -17.88 17.01
CA GLY B 167 30.57 -19.03 16.86
C GLY B 167 31.06 -20.05 15.86
N ALA B 168 32.35 -19.99 15.53
CA ALA B 168 32.92 -20.93 14.57
C ALA B 168 33.39 -22.25 15.20
N LYS B 169 32.78 -23.35 14.76
CA LYS B 169 33.13 -24.67 15.26
C LYS B 169 34.34 -25.12 14.46
N LEU B 170 34.97 -26.21 14.89
CA LEU B 170 36.12 -26.76 14.19
C LEU B 170 35.76 -28.15 13.66
N GLN B 171 35.32 -28.24 12.41
CA GLN B 171 34.95 -29.52 11.84
C GLN B 171 36.16 -30.15 11.14
N PRO B 172 36.55 -31.36 11.55
CA PRO B 172 37.70 -32.09 10.98
C PRO B 172 37.42 -32.67 9.59
N LEU B 173 38.30 -32.37 8.64
CA LEU B 173 38.14 -32.90 7.29
C LEU B 173 39.41 -33.65 6.92
N ASP B 174 39.31 -34.49 5.90
CA ASP B 174 40.46 -35.26 5.47
C ASP B 174 41.03 -34.71 4.18
N PHE B 175 41.79 -33.62 4.32
CA PHE B 175 42.41 -32.96 3.18
C PHE B 175 43.51 -33.79 2.55
N LYS B 176 44.22 -34.58 3.36
CA LYS B 176 45.31 -35.40 2.87
C LYS B 176 44.88 -36.51 1.90
N GLU B 177 43.92 -37.32 2.32
CA GLU B 177 43.45 -38.40 1.47
C GLU B 177 42.31 -37.98 0.57
N ASN B 178 41.27 -37.39 1.14
CA ASN B 178 40.12 -36.96 0.36
C ASN B 178 39.91 -35.46 0.38
N ALA B 179 40.73 -34.73 -0.37
CA ALA B 179 40.60 -33.29 -0.42
C ALA B 179 39.30 -32.99 -1.14
N GLU B 180 39.11 -33.59 -2.31
CA GLU B 180 37.89 -33.37 -3.07
C GLU B 180 36.64 -33.64 -2.22
N GLN B 181 36.61 -34.76 -1.52
CA GLN B 181 35.47 -35.07 -0.69
C GLN B 181 35.32 -34.01 0.39
N SER B 182 36.44 -33.44 0.81
CA SER B 182 36.43 -32.40 1.85
C SER B 182 35.90 -31.09 1.27
N ARG B 183 36.22 -30.85 0.01
CA ARG B 183 35.80 -29.65 -0.68
C ARG B 183 34.29 -29.71 -0.91
N ALA B 184 33.80 -30.91 -1.20
CA ALA B 184 32.37 -31.08 -1.42
C ALA B 184 31.64 -30.88 -0.10
N ALA B 185 32.29 -31.21 1.01
CA ALA B 185 31.66 -31.02 2.32
C ALA B 185 31.52 -29.54 2.62
N ILE B 186 32.63 -28.81 2.51
CA ILE B 186 32.62 -27.37 2.75
C ILE B 186 31.54 -26.70 1.90
N ASN B 187 31.59 -26.91 0.59
CA ASN B 187 30.62 -26.32 -0.33
C ASN B 187 29.17 -26.60 0.08
N LYS B 188 28.91 -27.81 0.53
CA LYS B 188 27.57 -28.20 0.95
C LYS B 188 27.12 -27.39 2.16
N TRP B 189 28.06 -27.15 3.07
CA TRP B 189 27.77 -26.39 4.28
C TRP B 189 27.40 -24.94 3.92
N VAL B 190 28.24 -24.31 3.10
CA VAL B 190 27.99 -22.93 2.70
C VAL B 190 26.69 -22.80 1.92
N SER B 191 26.44 -23.74 1.02
CA SER B 191 25.21 -23.71 0.23
C SER B 191 24.03 -23.71 1.20
N ASN B 192 24.13 -24.55 2.22
CA ASN B 192 23.08 -24.68 3.21
C ASN B 192 22.87 -23.41 4.03
N LYS B 193 23.98 -22.82 4.48
CA LYS B 193 23.92 -21.60 5.28
C LYS B 193 23.50 -20.38 4.48
N THR B 194 23.41 -20.51 3.16
CA THR B 194 23.01 -19.42 2.28
C THR B 194 21.78 -19.76 1.45
N GLU B 195 20.93 -20.64 2.01
CA GLU B 195 19.71 -21.05 1.32
C GLU B 195 19.97 -21.39 -0.13
N GLY B 196 21.09 -22.03 -0.39
CA GLY B 196 21.44 -22.44 -1.74
C GLY B 196 21.92 -21.38 -2.71
N ARG B 197 21.90 -20.11 -2.29
CA ARG B 197 22.33 -19.04 -3.17
C ARG B 197 23.85 -19.01 -3.40
N ILE B 198 24.63 -19.52 -2.45
CA ILE B 198 26.08 -19.54 -2.64
C ILE B 198 26.55 -21.00 -2.73
N THR B 199 26.96 -21.39 -3.94
CA THR B 199 27.41 -22.75 -4.22
C THR B 199 28.81 -22.79 -4.82
N ASP B 200 29.56 -23.85 -4.54
CA ASP B 200 30.92 -24.00 -5.06
C ASP B 200 31.79 -22.80 -4.74
N VAL B 201 31.75 -22.35 -3.48
CA VAL B 201 32.55 -21.20 -3.06
C VAL B 201 34.02 -21.47 -3.32
N ILE B 202 34.45 -22.67 -2.94
CA ILE B 202 35.84 -23.09 -3.10
C ILE B 202 36.09 -23.76 -4.43
N PRO B 203 36.96 -23.17 -5.26
CA PRO B 203 37.33 -23.69 -6.59
C PRO B 203 37.93 -25.09 -6.52
N SER B 204 37.65 -25.90 -7.53
CA SER B 204 38.17 -27.27 -7.57
C SER B 204 39.68 -27.30 -7.39
N GLU B 205 40.38 -26.46 -8.15
CA GLU B 205 41.83 -26.40 -8.07
C GLU B 205 42.29 -26.28 -6.62
N ALA B 206 41.76 -25.31 -5.90
CA ALA B 206 42.11 -25.08 -4.50
C ALA B 206 41.86 -26.34 -3.69
N ILE B 207 42.28 -26.33 -2.44
CA ILE B 207 42.10 -27.49 -1.57
C ILE B 207 42.79 -28.74 -2.12
N ASN B 208 43.94 -29.09 -1.53
CA ASN B 208 44.71 -30.26 -1.93
C ASN B 208 45.25 -31.00 -0.69
N GLU B 209 46.17 -31.94 -0.90
CA GLU B 209 46.74 -32.74 0.19
C GLU B 209 47.52 -31.94 1.22
N LEU B 210 48.02 -30.77 0.83
CA LEU B 210 48.79 -29.92 1.73
C LEU B 210 47.91 -28.89 2.45
N THR B 211 46.62 -28.90 2.13
CA THR B 211 45.68 -27.97 2.75
C THR B 211 45.40 -28.39 4.19
N VAL B 212 45.61 -27.48 5.13
CA VAL B 212 45.37 -27.77 6.53
C VAL B 212 44.19 -27.03 7.12
N LEU B 213 43.94 -25.82 6.63
CA LEU B 213 42.83 -25.04 7.16
C LEU B 213 42.03 -24.27 6.12
N VAL B 214 40.72 -24.29 6.28
CA VAL B 214 39.80 -23.56 5.41
C VAL B 214 38.83 -22.83 6.35
N LEU B 215 39.06 -21.54 6.54
CA LEU B 215 38.23 -20.68 7.41
C LEU B 215 37.13 -20.09 6.51
N VAL B 216 35.89 -20.15 6.98
CA VAL B 216 34.77 -19.67 6.18
C VAL B 216 33.69 -18.91 6.93
N ASN B 217 33.25 -17.81 6.33
CA ASN B 217 32.17 -16.98 6.87
C ASN B 217 31.04 -16.86 5.84
N THR B 218 29.81 -16.90 6.32
CA THR B 218 28.65 -16.79 5.45
C THR B 218 27.69 -15.78 6.06
N ILE B 219 27.04 -15.00 5.20
CA ILE B 219 26.06 -14.02 5.64
C ILE B 219 24.88 -14.19 4.71
N TYR B 220 23.68 -14.27 5.28
CA TYR B 220 22.48 -14.44 4.46
C TYR B 220 21.39 -13.47 4.85
N PHE B 221 20.83 -12.79 3.86
CA PHE B 221 19.79 -11.82 4.11
C PHE B 221 18.59 -11.88 3.18
N LYS B 222 17.41 -11.65 3.73
CA LYS B 222 16.19 -11.63 2.94
C LYS B 222 15.19 -10.71 3.62
N GLY B 223 14.80 -9.67 2.91
CA GLY B 223 13.84 -8.74 3.46
C GLY B 223 12.80 -8.36 2.44
N LEU B 224 11.69 -7.80 2.92
CA LEU B 224 10.62 -7.35 2.05
C LEU B 224 10.61 -5.84 2.10
N TRP B 225 10.17 -5.21 1.02
CA TRP B 225 10.12 -3.76 0.96
C TRP B 225 9.06 -3.23 1.94
N LYS B 226 9.39 -2.17 2.67
CA LYS B 226 8.42 -1.61 3.60
C LYS B 226 7.36 -0.84 2.78
N SER B 227 7.79 -0.25 1.66
CA SER B 227 6.91 0.46 0.72
C SER B 227 6.85 -0.46 -0.48
N LYS B 228 5.67 -0.95 -0.80
CA LYS B 228 5.53 -1.91 -1.89
C LYS B 228 5.66 -1.41 -3.31
N PHE B 229 6.34 -2.20 -4.12
CA PHE B 229 6.50 -1.93 -5.55
C PHE B 229 5.51 -2.89 -6.20
N SER B 230 4.32 -2.41 -6.55
CA SER B 230 3.35 -3.31 -7.19
C SER B 230 3.87 -3.85 -8.52
N PRO B 231 3.84 -5.18 -8.69
CA PRO B 231 4.31 -5.80 -9.93
C PRO B 231 3.54 -5.21 -11.11
N GLU B 232 2.27 -4.91 -10.88
CA GLU B 232 1.43 -4.36 -11.94
C GLU B 232 2.05 -3.13 -12.58
N ASN B 233 2.81 -2.38 -11.81
CA ASN B 233 3.43 -1.17 -12.33
C ASN B 233 4.83 -1.34 -12.94
N THR B 234 5.36 -2.55 -12.92
CA THR B 234 6.67 -2.79 -13.50
C THR B 234 6.56 -2.80 -15.02
N ARG B 235 7.53 -2.22 -15.71
CA ARG B 235 7.51 -2.17 -17.17
C ARG B 235 8.93 -2.13 -17.77
N LYS B 236 9.04 -2.43 -19.06
CA LYS B 236 10.34 -2.42 -19.71
C LYS B 236 10.77 -0.99 -20.02
N GLU B 237 12.04 -0.67 -19.76
CA GLU B 237 12.58 0.65 -20.02
C GLU B 237 14.04 0.49 -20.40
N LEU B 238 14.57 1.47 -21.11
CA LEU B 238 15.97 1.42 -21.52
C LEU B 238 16.92 1.76 -20.39
N PHE B 239 18.01 1.00 -20.32
CA PHE B 239 19.05 1.23 -19.33
C PHE B 239 20.27 1.64 -20.14
N TYR B 240 20.90 2.74 -19.75
CA TYR B 240 22.07 3.21 -20.48
C TYR B 240 23.42 2.84 -19.84
N LYS B 241 24.03 1.80 -20.39
CA LYS B 241 25.31 1.29 -19.92
C LYS B 241 26.45 2.28 -20.16
N ALA B 242 27.57 1.98 -19.53
CA ALA B 242 28.77 2.80 -19.63
C ALA B 242 29.30 2.87 -21.06
N ASP B 243 29.15 1.79 -21.82
CA ASP B 243 29.66 1.74 -23.19
C ASP B 243 28.86 2.60 -24.16
N GLY B 244 28.03 3.48 -23.62
CA GLY B 244 27.24 4.35 -24.46
C GLY B 244 26.10 3.68 -25.20
N GLU B 245 25.79 2.44 -24.87
CA GLU B 245 24.68 1.73 -25.51
C GLU B 245 23.53 1.56 -24.53
N SER B 246 22.42 1.01 -25.00
CA SER B 246 21.28 0.82 -24.12
C SER B 246 20.77 -0.61 -24.17
N CYS B 247 19.94 -0.96 -23.19
CA CYS B 247 19.36 -2.30 -23.14
C CYS B 247 18.04 -2.27 -22.37
N SER B 248 17.21 -3.28 -22.58
CA SER B 248 15.92 -3.32 -21.93
C SER B 248 15.94 -3.90 -20.51
N ALA B 249 15.47 -3.12 -19.55
CA ALA B 249 15.43 -3.57 -18.16
C ALA B 249 14.01 -3.59 -17.60
N SER B 250 13.80 -4.33 -16.51
CA SER B 250 12.49 -4.38 -15.87
C SER B 250 12.52 -3.27 -14.83
N MET B 251 11.69 -2.25 -15.03
CA MET B 251 11.65 -1.13 -14.11
C MET B 251 10.50 -1.16 -13.13
N MET B 252 10.84 -1.17 -11.85
CA MET B 252 9.83 -1.15 -10.81
C MET B 252 9.47 0.33 -10.61
N TYR B 253 8.22 0.59 -10.27
CA TYR B 253 7.77 1.96 -10.09
C TYR B 253 6.84 2.17 -8.90
N GLN B 254 7.01 3.30 -8.22
CA GLN B 254 6.15 3.66 -7.10
C GLN B 254 6.39 5.11 -6.72
N GLU B 255 5.45 5.69 -5.98
CA GLU B 255 5.55 7.08 -5.51
C GLU B 255 5.27 7.05 -4.03
N GLY B 256 6.12 7.69 -3.24
CA GLY B 256 5.91 7.71 -1.81
C GLY B 256 6.99 8.50 -1.11
N LYS B 257 7.03 8.41 0.22
CA LYS B 257 8.03 9.13 1.01
C LYS B 257 9.21 8.25 1.43
N PHE B 258 10.40 8.69 1.04
CA PHE B 258 11.63 8.00 1.36
C PHE B 258 12.67 9.03 1.77
N ARG B 259 13.64 8.60 2.58
CA ARG B 259 14.70 9.49 3.01
C ARG B 259 15.54 9.69 1.75
N TYR B 260 15.73 10.96 1.37
CA TYR B 260 16.44 11.28 0.16
C TYR B 260 17.26 12.56 0.32
N ARG B 261 18.15 12.80 -0.65
CA ARG B 261 18.99 13.99 -0.62
C ARG B 261 19.75 14.18 -1.91
N ARG B 262 19.68 15.38 -2.47
CA ARG B 262 20.42 15.69 -3.68
C ARG B 262 21.76 16.22 -3.19
N VAL B 263 22.85 15.50 -3.49
CA VAL B 263 24.18 15.90 -3.05
C VAL B 263 25.02 16.53 -4.16
N ALA B 264 26.32 16.64 -3.92
CA ALA B 264 27.24 17.23 -4.88
C ALA B 264 26.99 16.83 -6.33
N GLU B 265 27.22 17.78 -7.22
CA GLU B 265 27.05 17.59 -8.65
C GLU B 265 25.84 16.82 -9.10
N GLY B 266 24.71 17.14 -8.49
CA GLY B 266 23.47 16.49 -8.85
C GLY B 266 23.35 15.00 -8.59
N THR B 267 24.20 14.45 -7.73
CA THR B 267 24.09 13.01 -7.44
C THR B 267 22.94 12.80 -6.45
N GLN B 268 22.10 11.81 -6.74
CA GLN B 268 20.94 11.49 -5.90
C GLN B 268 21.18 10.31 -4.96
N VAL B 269 20.85 10.49 -3.68
CA VAL B 269 21.00 9.42 -2.70
C VAL B 269 19.62 9.09 -2.15
N LEU B 270 19.23 7.82 -2.25
CA LEU B 270 17.93 7.36 -1.81
C LEU B 270 18.01 6.14 -0.90
N GLU B 271 17.22 6.15 0.18
CA GLU B 271 17.18 5.01 1.09
C GLU B 271 15.83 4.30 1.05
N LEU B 272 15.84 3.01 0.71
CA LEU B 272 14.62 2.19 0.63
C LEU B 272 14.66 1.19 1.77
N PRO B 273 13.86 1.42 2.83
CA PRO B 273 13.82 0.53 4.01
C PRO B 273 13.06 -0.79 3.84
N PHE B 274 13.51 -1.82 4.54
CA PHE B 274 12.84 -3.12 4.48
C PHE B 274 11.93 -3.20 5.69
N LYS B 275 10.97 -4.13 5.68
CA LYS B 275 10.06 -4.27 6.83
C LYS B 275 10.90 -4.45 8.08
N GLY B 276 10.70 -3.56 9.05
CA GLY B 276 11.47 -3.63 10.29
C GLY B 276 12.25 -2.35 10.52
N ASP B 277 12.55 -1.63 9.44
CA ASP B 277 13.28 -0.37 9.52
C ASP B 277 14.75 -0.52 9.92
N ASP B 278 15.09 -1.62 10.58
CA ASP B 278 16.45 -1.92 11.02
C ASP B 278 17.47 -2.02 9.89
N ILE B 279 17.02 -2.51 8.75
CA ILE B 279 17.91 -2.67 7.60
C ILE B 279 17.30 -1.93 6.43
N THR B 280 18.15 -1.36 5.58
CA THR B 280 17.66 -0.62 4.42
C THR B 280 18.56 -0.84 3.23
N MET B 281 18.17 -0.24 2.10
CA MET B 281 18.97 -0.30 0.90
C MET B 281 19.19 1.16 0.49
N VAL B 282 20.46 1.52 0.29
CA VAL B 282 20.81 2.88 -0.10
C VAL B 282 21.32 2.85 -1.53
N LEU B 283 20.83 3.76 -2.36
CA LEU B 283 21.27 3.83 -3.74
C LEU B 283 21.91 5.17 -4.06
N ILE B 284 23.01 5.12 -4.78
CA ILE B 284 23.70 6.33 -5.18
C ILE B 284 23.65 6.40 -6.70
N LEU B 285 22.92 7.41 -7.18
CA LEU B 285 22.70 7.62 -8.61
C LEU B 285 23.21 8.97 -9.10
N PRO B 286 24.31 8.98 -9.86
CA PRO B 286 24.86 10.24 -10.38
C PRO B 286 23.99 10.78 -11.49
N LYS B 287 24.08 12.09 -11.72
CA LYS B 287 23.31 12.73 -12.77
C LYS B 287 23.78 12.10 -14.09
N PRO B 288 22.88 11.98 -15.07
CA PRO B 288 23.23 11.37 -16.35
C PRO B 288 24.52 11.88 -16.97
N GLU B 289 24.88 13.11 -16.65
CA GLU B 289 26.12 13.69 -17.20
C GLU B 289 27.36 13.01 -16.64
N LYS B 290 27.50 13.03 -15.31
CA LYS B 290 28.65 12.44 -14.62
C LYS B 290 28.74 10.91 -14.66
N SER B 291 29.92 10.39 -14.94
CA SER B 291 30.10 8.94 -15.01
C SER B 291 30.21 8.39 -13.59
N LEU B 292 29.76 7.15 -13.40
CA LEU B 292 29.81 6.54 -12.07
C LEU B 292 31.23 6.34 -11.56
N ALA B 293 32.17 6.19 -12.48
CA ALA B 293 33.57 5.98 -12.10
C ALA B 293 34.09 7.14 -11.26
N LYS B 294 33.58 8.33 -11.56
CA LYS B 294 33.99 9.53 -10.84
C LYS B 294 33.43 9.51 -9.43
N VAL B 295 32.15 9.19 -9.30
CA VAL B 295 31.50 9.15 -8.00
C VAL B 295 32.20 8.11 -7.15
N GLU B 296 32.59 7.00 -7.76
CA GLU B 296 33.28 5.94 -7.04
C GLU B 296 34.65 6.44 -6.56
N LYS B 297 35.37 7.13 -7.44
CA LYS B 297 36.69 7.65 -7.10
C LYS B 297 36.62 8.68 -5.98
N GLU B 298 35.49 9.36 -5.87
CA GLU B 298 35.33 10.37 -4.85
C GLU B 298 34.65 9.82 -3.61
N LEU B 299 34.03 8.64 -3.73
CA LEU B 299 33.34 8.04 -2.60
C LEU B 299 34.23 7.64 -1.46
N THR B 300 34.56 8.64 -0.64
CA THR B 300 35.40 8.50 0.52
C THR B 300 34.55 8.02 1.70
N PRO B 301 35.18 7.42 2.71
CA PRO B 301 34.41 6.94 3.87
C PRO B 301 33.70 8.10 4.55
N GLU B 302 34.41 9.21 4.73
CA GLU B 302 33.81 10.36 5.37
C GLU B 302 32.77 11.04 4.47
N VAL B 303 32.95 10.93 3.15
CA VAL B 303 31.98 11.52 2.25
C VAL B 303 30.66 10.74 2.33
N LEU B 304 30.75 9.43 2.12
CA LEU B 304 29.57 8.57 2.19
C LEU B 304 28.80 8.79 3.50
N GLN B 305 29.54 8.95 4.60
CA GLN B 305 28.92 9.18 5.89
C GLN B 305 28.16 10.50 5.93
N GLU B 306 28.75 11.55 5.37
CA GLU B 306 28.07 12.84 5.33
C GLU B 306 26.76 12.68 4.60
N TRP B 307 26.81 12.12 3.40
CA TRP B 307 25.62 11.90 2.60
C TRP B 307 24.53 11.18 3.40
N LEU B 308 24.89 10.07 4.04
CA LEU B 308 23.89 9.33 4.80
C LEU B 308 23.20 10.22 5.83
N ASP B 309 23.98 11.00 6.57
CA ASP B 309 23.42 11.88 7.59
C ASP B 309 22.53 13.00 7.06
N GLU B 310 22.67 13.32 5.78
CA GLU B 310 21.89 14.39 5.18
C GLU B 310 20.56 13.94 4.59
N LEU B 311 20.24 12.65 4.69
CA LEU B 311 18.98 12.17 4.13
C LEU B 311 17.78 12.73 4.88
N GLU B 312 16.79 13.20 4.13
CA GLU B 312 15.58 13.75 4.73
C GLU B 312 14.38 13.12 4.06
N GLU B 313 13.36 12.75 4.85
CA GLU B 313 12.16 12.13 4.28
C GLU B 313 11.53 13.05 3.24
N MET B 314 11.20 12.49 2.08
CA MET B 314 10.60 13.32 1.03
C MET B 314 9.79 12.52 0.01
N MET B 315 8.74 13.14 -0.49
CA MET B 315 7.87 12.54 -1.51
C MET B 315 8.54 12.55 -2.89
N LEU B 316 8.66 11.38 -3.50
CA LEU B 316 9.27 11.29 -4.81
C LEU B 316 8.78 10.11 -5.63
N VAL B 317 9.24 10.05 -6.87
CA VAL B 317 8.88 8.97 -7.76
C VAL B 317 10.10 8.08 -7.88
N VAL B 318 9.91 6.77 -7.75
CA VAL B 318 11.03 5.86 -7.84
C VAL B 318 11.00 4.94 -9.04
N HIS B 319 12.08 4.98 -9.81
CA HIS B 319 12.25 4.13 -10.97
C HIS B 319 13.47 3.27 -10.66
N MET B 320 13.24 2.01 -10.35
CA MET B 320 14.31 1.08 -10.01
C MET B 320 14.10 -0.28 -10.65
N PRO B 321 15.13 -0.80 -11.33
CA PRO B 321 15.03 -2.10 -12.01
C PRO B 321 15.10 -3.33 -11.10
N ARG B 322 14.54 -4.43 -11.58
CA ARG B 322 14.60 -5.72 -10.88
C ARG B 322 15.96 -6.21 -11.37
N PHE B 323 16.62 -7.09 -10.62
CA PHE B 323 17.90 -7.60 -11.07
C PHE B 323 18.53 -8.64 -10.16
N ARG B 324 19.35 -9.49 -10.79
CA ARG B 324 20.07 -10.52 -10.07
C ARG B 324 21.56 -10.30 -10.39
N ILE B 325 22.39 -10.36 -9.36
CA ILE B 325 23.82 -10.16 -9.52
C ILE B 325 24.58 -11.29 -8.84
N GLU B 326 25.49 -11.91 -9.57
CA GLU B 326 26.30 -12.99 -9.00
C GLU B 326 27.76 -12.67 -9.29
N ASP B 327 28.50 -12.38 -8.22
CA ASP B 327 29.89 -11.99 -8.33
C ASP B 327 30.79 -12.92 -7.51
N GLY B 328 31.97 -13.21 -8.06
CA GLY B 328 32.92 -14.07 -7.37
C GLY B 328 34.33 -13.67 -7.75
N PHE B 329 35.22 -13.60 -6.78
CA PHE B 329 36.60 -13.21 -7.08
C PHE B 329 37.56 -13.52 -5.95
N SER B 330 38.86 -13.45 -6.26
CA SER B 330 39.90 -13.70 -5.27
C SER B 330 40.30 -12.37 -4.66
N LEU B 331 40.44 -12.35 -3.34
CA LEU B 331 40.77 -11.13 -2.62
C LEU B 331 42.27 -10.87 -2.47
N LYS B 332 43.07 -11.91 -2.74
CA LYS B 332 44.51 -11.83 -2.60
C LYS B 332 45.18 -10.60 -3.21
N GLU B 333 44.97 -10.37 -4.50
CA GLU B 333 45.60 -9.23 -5.15
C GLU B 333 45.17 -7.88 -4.56
N GLN B 334 43.86 -7.63 -4.47
CA GLN B 334 43.36 -6.36 -3.95
C GLN B 334 43.88 -6.09 -2.55
N LEU B 335 43.79 -7.10 -1.69
CA LEU B 335 44.23 -6.98 -0.32
C LEU B 335 45.71 -6.69 -0.24
N GLN B 336 46.48 -7.29 -1.15
CA GLN B 336 47.92 -7.10 -1.20
C GLN B 336 48.30 -5.69 -1.57
N ASP B 337 47.64 -5.14 -2.59
CA ASP B 337 47.94 -3.77 -3.01
C ASP B 337 47.55 -2.81 -1.90
N MET B 338 46.70 -3.28 -1.00
CA MET B 338 46.24 -2.45 0.10
C MET B 338 47.12 -2.53 1.33
N GLY B 339 48.14 -3.38 1.29
CA GLY B 339 49.03 -3.51 2.44
C GLY B 339 49.13 -4.84 3.16
N LEU B 340 48.28 -5.79 2.79
CA LEU B 340 48.28 -7.11 3.43
C LEU B 340 49.22 -7.99 2.61
N VAL B 341 50.50 -8.02 2.99
CA VAL B 341 51.47 -8.83 2.27
C VAL B 341 51.95 -10.06 3.02
N ASP B 342 52.45 -9.86 4.22
CA ASP B 342 52.97 -10.95 5.04
C ASP B 342 52.06 -12.18 5.13
N LEU B 343 50.77 -11.94 5.37
CA LEU B 343 49.81 -13.03 5.47
C LEU B 343 49.91 -14.01 4.31
N PHE B 344 50.19 -13.51 3.12
CA PHE B 344 50.26 -14.36 1.93
C PHE B 344 51.66 -14.88 1.59
N SER B 345 52.67 -14.41 2.31
CA SER B 345 54.05 -14.84 2.06
C SER B 345 54.49 -16.06 2.85
N PRO B 346 54.80 -17.15 2.16
CA PRO B 346 55.24 -18.39 2.83
C PRO B 346 56.43 -18.11 3.74
N GLU B 347 57.22 -17.11 3.37
CA GLU B 347 58.41 -16.74 4.13
C GLU B 347 58.18 -15.72 5.24
N LYS B 348 57.27 -14.78 5.03
CA LYS B 348 57.03 -13.72 6.03
C LYS B 348 55.83 -13.87 6.97
N SER B 349 54.84 -14.66 6.55
CA SER B 349 53.63 -14.88 7.33
C SER B 349 53.90 -15.32 8.78
N LYS B 350 53.14 -14.78 9.73
CA LYS B 350 53.28 -15.16 11.14
C LYS B 350 51.92 -15.47 11.73
N LEU B 351 51.60 -16.76 11.80
CA LEU B 351 50.33 -17.24 12.34
C LEU B 351 50.57 -18.36 13.35
N PRO B 352 51.51 -18.18 14.27
CA PRO B 352 51.82 -19.20 15.28
C PRO B 352 50.72 -19.59 16.25
N GLY B 353 49.71 -18.74 16.40
CA GLY B 353 48.64 -19.05 17.33
C GLY B 353 47.52 -19.95 16.80
N ILE B 354 47.64 -20.42 15.56
CA ILE B 354 46.59 -21.26 15.00
C ILE B 354 46.81 -22.75 15.16
N VAL B 355 47.93 -23.25 14.63
CA VAL B 355 48.22 -24.67 14.75
C VAL B 355 49.28 -24.91 15.81
N ALA B 356 48.94 -25.72 16.80
CA ALA B 356 49.85 -26.04 17.89
C ALA B 356 50.95 -27.02 17.53
N GLU B 357 52.12 -26.87 18.16
CA GLU B 357 53.24 -27.76 17.92
C GLU B 357 53.73 -27.72 16.48
N GLY B 358 54.75 -26.90 16.23
CA GLY B 358 55.32 -26.80 14.91
C GLY B 358 54.46 -26.07 13.88
N ARG B 359 54.84 -26.21 12.62
CA ARG B 359 54.13 -25.59 11.50
C ARG B 359 53.67 -24.19 11.86
N ASP B 360 54.62 -23.37 12.30
CA ASP B 360 54.34 -22.00 12.69
C ASP B 360 54.45 -21.04 11.50
N ASP B 361 55.04 -21.53 10.42
CA ASP B 361 55.20 -20.72 9.20
C ASP B 361 54.01 -20.92 8.27
N LEU B 362 52.84 -21.03 8.88
CA LEU B 362 51.58 -21.22 8.18
C LEU B 362 51.17 -19.91 7.52
N TYR B 363 50.74 -19.98 6.25
CA TYR B 363 50.31 -18.77 5.55
C TYR B 363 49.04 -19.01 4.74
N VAL B 364 48.41 -17.92 4.31
CA VAL B 364 47.20 -18.04 3.53
C VAL B 364 47.58 -18.20 2.06
N SER B 365 47.17 -19.31 1.47
CA SER B 365 47.45 -19.61 0.08
C SER B 365 46.53 -18.83 -0.87
N ASP B 366 45.26 -18.68 -0.48
CA ASP B 366 44.26 -17.98 -1.28
C ASP B 366 43.10 -17.55 -0.41
N ALA B 367 42.31 -16.60 -0.90
CA ALA B 367 41.13 -16.10 -0.19
C ALA B 367 40.10 -15.75 -1.25
N PHE B 368 38.96 -16.45 -1.25
CA PHE B 368 37.91 -16.22 -2.24
C PHE B 368 36.60 -15.69 -1.67
N HIS B 369 35.98 -14.78 -2.41
CA HIS B 369 34.70 -14.21 -2.02
C HIS B 369 33.70 -14.52 -3.12
N LYS B 370 32.47 -14.84 -2.73
CA LYS B 370 31.40 -15.12 -3.67
C LYS B 370 30.13 -14.53 -3.06
N ALA B 371 29.45 -13.68 -3.84
CA ALA B 371 28.23 -13.03 -3.36
C ALA B 371 27.06 -13.10 -4.34
N PHE B 372 25.85 -13.05 -3.79
CA PHE B 372 24.61 -13.13 -4.57
C PHE B 372 23.63 -12.01 -4.16
N LEU B 373 22.90 -11.48 -5.13
CA LEU B 373 21.93 -10.44 -4.86
C LEU B 373 20.76 -10.43 -5.83
N GLU B 374 19.54 -10.50 -5.28
CA GLU B 374 18.35 -10.46 -6.11
C GLU B 374 17.42 -9.37 -5.58
N VAL B 375 16.96 -8.52 -6.49
CA VAL B 375 16.06 -7.44 -6.12
C VAL B 375 14.84 -7.43 -7.03
N ASN B 376 13.66 -7.39 -6.42
CA ASN B 376 12.41 -7.34 -7.17
C ASN B 376 11.27 -6.87 -6.29
N GLU B 377 10.04 -7.02 -6.76
CA GLU B 377 8.88 -6.56 -6.01
C GLU B 377 8.58 -7.30 -4.71
N GLU B 378 8.15 -8.55 -4.84
CA GLU B 378 7.77 -9.33 -3.67
C GLU B 378 8.89 -10.05 -2.94
N GLY B 379 10.07 -10.09 -3.55
CA GLY B 379 11.19 -10.77 -2.92
C GLY B 379 11.20 -12.22 -3.33
N SER B 380 10.08 -12.69 -3.87
CA SER B 380 9.94 -14.05 -4.32
C SER B 380 10.24 -14.09 -5.82
N GLU B 381 10.73 -15.23 -6.32
CA GLU B 381 11.03 -15.37 -7.73
C GLU B 381 9.81 -15.90 -8.48
N ALA B 382 8.76 -16.17 -7.72
CA ALA B 382 7.51 -16.67 -8.29
C ALA B 382 6.82 -15.55 -9.07
N ALA B 383 5.64 -15.83 -9.60
CA ALA B 383 4.89 -14.84 -10.37
C ALA B 383 4.46 -13.70 -9.46
N ALA B 384 3.44 -12.95 -9.88
CA ALA B 384 2.92 -11.84 -9.09
C ALA B 384 1.61 -12.22 -8.43
N SER B 385 1.48 -11.89 -7.15
CA SER B 385 0.27 -12.20 -6.40
C SER B 385 -0.17 -11.00 -5.56
N THR B 386 0.42 -9.84 -5.84
CA THR B 386 0.09 -8.63 -5.11
C THR B 386 -0.19 -7.44 -6.02
N ALA B 387 -0.82 -6.43 -5.43
CA ALA B 387 -1.18 -5.21 -6.13
C ALA B 387 -1.20 -4.08 -5.11
N VAL B 388 -1.41 -2.85 -5.58
CA VAL B 388 -1.48 -1.72 -4.67
C VAL B 388 -2.54 -0.74 -5.13
N VAL B 389 -3.42 -0.32 -4.22
CA VAL B 389 -4.44 0.66 -4.59
C VAL B 389 -4.33 1.90 -3.71
N ILE B 390 -4.08 3.03 -4.36
CA ILE B 390 -3.91 4.31 -3.68
C ILE B 390 -5.01 5.27 -4.12
N ALA B 391 -6.08 5.35 -3.33
CA ALA B 391 -7.21 6.21 -3.65
C ALA B 391 -7.16 7.57 -2.97
N GLY B 392 -7.55 8.59 -3.72
CA GLY B 392 -7.56 9.94 -3.20
C GLY B 392 -6.20 10.60 -3.06
N ARG B 393 -5.26 10.23 -3.93
CA ARG B 393 -3.93 10.83 -3.87
C ARG B 393 -3.70 11.80 -5.03
N SER B 394 -3.14 12.95 -4.69
CA SER B 394 -2.84 13.98 -5.67
C SER B 394 -1.55 14.66 -5.20
N LEU B 395 -0.43 14.20 -5.75
CA LEU B 395 0.89 14.72 -5.39
C LEU B 395 1.28 16.00 -6.14
N ASN B 396 2.30 16.68 -5.64
CA ASN B 396 2.80 17.90 -6.25
C ASN B 396 3.34 17.62 -7.65
N PRO B 397 2.80 18.31 -8.66
CA PRO B 397 3.25 18.07 -10.03
C PRO B 397 4.76 18.30 -10.23
N ASN B 398 5.38 18.96 -9.26
CA ASN B 398 6.81 19.23 -9.30
C ASN B 398 7.59 18.37 -8.31
N ARG B 399 7.16 17.12 -8.14
CA ARG B 399 7.84 16.23 -7.21
C ARG B 399 9.17 15.75 -7.77
N VAL B 400 10.13 15.53 -6.88
CA VAL B 400 11.45 15.06 -7.28
C VAL B 400 11.34 13.64 -7.88
N THR B 401 12.12 13.41 -8.91
CA THR B 401 12.10 12.12 -9.59
C THR B 401 13.47 11.41 -9.58
N PHE B 402 13.43 10.13 -9.25
CA PHE B 402 14.61 9.26 -9.19
C PHE B 402 14.43 8.14 -10.20
N LYS B 403 15.12 8.25 -11.33
CA LYS B 403 15.03 7.27 -12.41
C LYS B 403 16.36 6.55 -12.59
N ALA B 404 16.47 5.35 -12.04
CA ALA B 404 17.72 4.59 -12.11
C ALA B 404 17.92 3.74 -13.36
N ASN B 405 18.11 4.39 -14.50
CA ASN B 405 18.32 3.72 -15.78
C ASN B 405 19.76 3.86 -16.26
N ARG B 406 20.66 4.05 -15.31
CA ARG B 406 22.07 4.16 -15.59
C ARG B 406 22.80 3.55 -14.41
N PRO B 407 24.07 3.18 -14.58
CA PRO B 407 24.80 2.59 -13.45
C PRO B 407 24.65 3.34 -12.12
N PHE B 408 24.50 2.59 -11.04
CA PHE B 408 24.40 3.18 -9.71
C PHE B 408 24.99 2.27 -8.65
N LEU B 409 25.25 2.84 -7.47
CA LEU B 409 25.79 2.06 -6.37
C LEU B 409 24.68 1.57 -5.46
N VAL B 410 24.93 0.48 -4.75
CA VAL B 410 23.93 -0.06 -3.84
C VAL B 410 24.58 -0.58 -2.56
N PHE B 411 23.89 -0.35 -1.44
CA PHE B 411 24.36 -0.80 -0.14
C PHE B 411 23.14 -1.34 0.57
N ILE B 412 23.35 -2.32 1.45
CA ILE B 412 22.28 -2.85 2.27
C ILE B 412 22.87 -2.69 3.65
N ARG B 413 22.35 -1.74 4.42
CA ARG B 413 22.89 -1.48 5.76
C ARG B 413 21.97 -1.71 6.95
N GLU B 414 22.60 -1.86 8.10
CA GLU B 414 21.91 -2.06 9.37
C GLU B 414 22.06 -0.67 9.95
N VAL B 415 20.98 0.11 9.92
CA VAL B 415 21.02 1.48 10.38
C VAL B 415 21.40 1.71 11.84
N PRO B 416 20.69 1.08 12.78
CA PRO B 416 21.07 1.33 14.17
C PRO B 416 22.57 1.27 14.45
N LEU B 417 23.27 0.41 13.71
CA LEU B 417 24.71 0.28 13.89
C LEU B 417 25.52 0.98 12.79
N ASN B 418 24.86 1.32 11.69
CA ASN B 418 25.58 1.92 10.59
C ASN B 418 26.64 0.97 10.04
N THR B 419 26.18 -0.27 9.82
CA THR B 419 27.05 -1.30 9.31
C THR B 419 26.69 -1.54 7.86
N ILE B 420 27.69 -1.65 7.00
CA ILE B 420 27.43 -1.93 5.61
C ILE B 420 27.50 -3.44 5.52
N ILE B 421 26.36 -4.09 5.31
CA ILE B 421 26.37 -5.54 5.23
C ILE B 421 26.79 -6.02 3.83
N PHE B 422 26.25 -5.39 2.79
CA PHE B 422 26.64 -5.72 1.42
C PHE B 422 26.80 -4.43 0.64
N MET B 423 27.47 -4.51 -0.50
CA MET B 423 27.61 -3.33 -1.34
C MET B 423 27.97 -3.78 -2.73
N GLY B 424 27.73 -2.90 -3.69
CA GLY B 424 28.04 -3.27 -5.05
C GLY B 424 27.65 -2.20 -6.04
N ARG B 425 27.66 -2.59 -7.30
CA ARG B 425 27.35 -1.67 -8.36
C ARG B 425 26.46 -2.39 -9.34
N VAL B 426 25.41 -1.70 -9.78
CA VAL B 426 24.50 -2.27 -10.76
C VAL B 426 24.81 -1.48 -12.04
N ALA B 427 25.70 -2.05 -12.84
CA ALA B 427 26.12 -1.44 -14.10
C ALA B 427 25.28 -1.95 -15.26
N ASN B 428 24.60 -3.08 -15.06
CA ASN B 428 23.77 -3.63 -16.12
C ASN B 428 22.74 -4.59 -15.56
N PRO B 429 21.49 -4.12 -15.37
CA PRO B 429 20.43 -4.96 -14.82
C PRO B 429 19.68 -5.71 -15.88
N CYS B 430 20.05 -5.48 -17.13
CA CYS B 430 19.39 -6.10 -18.26
C CYS B 430 19.46 -7.60 -18.36
N VAL B 431 18.68 -8.16 -19.28
CA VAL B 431 18.64 -9.60 -19.48
C VAL B 431 19.04 -9.98 -20.91
N SER C 2 14.48 -8.05 -1.40
CA SER C 2 15.89 -8.24 -1.69
C SER C 2 16.43 -9.44 -0.96
N GLU C 3 17.18 -10.27 -1.69
CA GLU C 3 17.80 -11.44 -1.10
C GLU C 3 19.29 -11.39 -1.44
N ALA C 4 20.13 -11.42 -0.42
CA ALA C 4 21.57 -11.38 -0.62
C ALA C 4 22.32 -12.37 0.29
N ALA C 5 23.38 -12.95 -0.25
CA ALA C 5 24.19 -13.91 0.49
C ALA C 5 25.65 -13.76 0.07
N ALA C 6 26.57 -14.12 0.95
CA ALA C 6 27.98 -14.03 0.64
C ALA C 6 28.80 -15.01 1.45
N SER C 7 29.91 -15.45 0.87
CA SER C 7 30.81 -16.36 1.57
C SER C 7 32.23 -16.17 1.08
N LEU D 2 41.86 -20.15 2.69
CA LEU D 2 42.44 -21.47 2.84
C LEU D 2 43.94 -21.46 3.03
N PHE D 3 44.36 -22.22 4.04
CA PHE D 3 45.75 -22.36 4.41
C PHE D 3 46.22 -23.75 3.98
#